data_8C6V
#
_entry.id   8C6V
#
_cell.length_a   36.960
_cell.length_b   152.390
_cell.length_c   65.400
_cell.angle_alpha   90.00
_cell.angle_beta   101.01
_cell.angle_gamma   90.00
#
_symmetry.space_group_name_H-M   'P 1 21 1'
#
loop_
_entity.id
_entity.type
_entity.pdbx_description
1 polymer 'P8 RNA silencing suppressor'
2 non-polymer GLYCEROL
3 non-polymer BETA-MERCAPTOETHANOL
4 non-polymer 'ZINC ION'
5 non-polymer 2-AMINO-2-HYDROXYMETHYL-PROPANE-1,3-DIOL
6 water water
#
_entity_poly.entity_id   1
_entity_poly.type   'polypeptide(L)'
_entity_poly.pdbx_seq_one_letter_code
;GHMNTIKTVIISELEKNVDEFLNSYLEYLKYDDYDQYCTMIGLYDELTDQESISQIPTKYSIDPINFQKFTRVLTVAIYN
YDVNYILAEKYKELFEFTNMDPDFSPKYRFYSPIATCSYLSQYDLISESFQQDVTKLFDRMHKQQPGCMLMNQIMVSNLI
KNLLKNVQTIVQDDSSHN
;
_entity_poly.pdbx_strand_id   A,C,D,B
#
loop_
_chem_comp.id
_chem_comp.type
_chem_comp.name
_chem_comp.formula
BME non-polymer BETA-MERCAPTOETHANOL 'C2 H6 O S'
GOL non-polymer GLYCEROL 'C3 H8 O3'
TRS non-polymer 2-AMINO-2-HYDROXYMETHYL-PROPANE-1,3-DIOL 'C4 H12 N O3 1'
ZN non-polymer 'ZINC ION' 'Zn 2'
#
# COMPACT_ATOMS: atom_id res chain seq x y z
N GLY A 1 -5.00 7.52 39.33
CA GLY A 1 -3.55 7.46 39.19
C GLY A 1 -3.05 6.08 38.80
N HIS A 2 -3.67 5.03 39.35
CA HIS A 2 -3.31 3.65 39.07
C HIS A 2 -4.53 2.96 38.51
N MET A 3 -5.26 2.20 39.33
CA MET A 3 -6.54 1.57 38.98
C MET A 3 -6.35 0.70 37.72
N ASN A 4 -7.27 0.75 36.78
CA ASN A 4 -7.12 0.07 35.51
C ASN A 4 -7.46 0.94 34.31
N THR A 5 -7.76 2.24 34.52
CA THR A 5 -8.13 3.14 33.45
C THR A 5 -6.99 3.39 32.46
N ILE A 6 -5.73 3.18 32.88
CA ILE A 6 -4.63 3.26 31.92
C ILE A 6 -4.77 2.14 30.88
N LYS A 7 -5.20 0.96 31.32
CA LYS A 7 -5.45 -0.12 30.38
C LYS A 7 -6.63 0.20 29.47
N THR A 8 -7.66 0.84 30.00
CA THR A 8 -8.78 1.27 29.17
C THR A 8 -8.35 2.37 28.19
N VAL A 9 -7.55 3.32 28.66
CA VAL A 9 -7.07 4.40 27.79
C VAL A 9 -6.21 3.82 26.67
N ILE A 10 -5.33 2.88 26.99
CA ILE A 10 -4.47 2.28 25.97
C ILE A 10 -5.30 1.51 24.96
N ILE A 11 -6.31 0.76 25.42
CA ILE A 11 -7.14 -0.02 24.51
C ILE A 11 -7.86 0.88 23.52
N SER A 12 -8.40 2.00 23.99
CA SER A 12 -9.08 2.93 23.09
C SER A 12 -8.10 3.50 22.07
N GLU A 13 -6.85 3.74 22.48
CA GLU A 13 -5.86 4.26 21.55
C GLU A 13 -5.45 3.20 20.53
N LEU A 14 -5.26 1.96 20.98
CA LEU A 14 -4.90 0.89 20.05
C LEU A 14 -6.04 0.57 19.10
N GLU A 15 -7.29 0.74 19.53
CA GLU A 15 -8.42 0.49 18.65
C GLU A 15 -8.58 1.57 17.59
N LYS A 16 -8.09 2.78 17.87
CA LYS A 16 -8.06 3.81 16.83
C LYS A 16 -7.15 3.38 15.68
N ASN A 17 -6.03 2.74 16.00
CA ASN A 17 -5.15 2.21 14.95
C ASN A 17 -5.78 1.01 14.27
N VAL A 18 -6.55 0.20 15.00
CA VAL A 18 -7.30 -0.90 14.39
C VAL A 18 -8.28 -0.35 13.38
N ASP A 19 -8.95 0.76 13.71
CA ASP A 19 -9.88 1.40 12.77
C ASP A 19 -9.18 1.77 11.46
N GLU A 20 -8.05 2.45 11.56
CA GLU A 20 -7.32 2.84 10.36
C GLU A 20 -6.86 1.62 9.57
N PHE A 21 -6.43 0.57 10.28
CA PHE A 21 -6.05 -0.68 9.62
C PHE A 21 -7.22 -1.24 8.81
N LEU A 22 -8.39 -1.37 9.46
CA LEU A 22 -9.55 -1.93 8.77
C LEU A 22 -9.98 -1.05 7.61
N ASN A 23 -9.87 0.27 7.76
CA ASN A 23 -10.21 1.17 6.66
C ASN A 23 -9.24 1.01 5.49
N SER A 24 -7.98 0.67 5.78
CA SER A 24 -7.00 0.52 4.72
C SER A 24 -7.30 -0.69 3.85
N TYR A 25 -7.82 -1.76 4.45
CA TYR A 25 -8.15 -2.94 3.65
C TYR A 25 -9.39 -2.73 2.80
N LEU A 26 -10.19 -1.71 3.10
CA LEU A 26 -11.38 -1.41 2.28
C LEU A 26 -11.01 -1.15 0.83
N GLU A 27 -9.78 -0.70 0.57
CA GLU A 27 -9.34 -0.40 -0.79
C GLU A 27 -9.37 -1.63 -1.69
N TYR A 28 -9.40 -2.83 -1.12
CA TYR A 28 -9.38 -4.07 -1.89
C TYR A 28 -10.77 -4.72 -1.99
N LEU A 29 -11.82 -3.96 -1.71
CA LEU A 29 -13.18 -4.49 -1.69
C LEU A 29 -14.11 -3.59 -2.48
N LYS A 30 -15.05 -4.22 -3.19
CA LYS A 30 -16.07 -3.50 -3.95
C LYS A 30 -17.42 -4.15 -3.73
N TYR A 31 -18.47 -3.44 -4.12
CA TYR A 31 -19.83 -3.99 -4.27
C TYR A 31 -20.32 -4.45 -2.90
N ASP A 32 -20.94 -5.64 -2.81
CA ASP A 32 -21.48 -6.11 -1.53
C ASP A 32 -20.38 -6.36 -0.51
N ASP A 33 -19.23 -6.85 -0.96
CA ASP A 33 -18.13 -7.10 -0.03
C ASP A 33 -17.72 -5.82 0.69
N TYR A 34 -17.61 -4.71 -0.05
CA TYR A 34 -17.30 -3.42 0.55
C TYR A 34 -18.39 -3.02 1.54
N ASP A 35 -19.67 -3.15 1.15
CA ASP A 35 -20.76 -2.73 2.00
C ASP A 35 -20.80 -3.54 3.30
N GLN A 36 -20.69 -4.86 3.18
CA GLN A 36 -20.73 -5.70 4.39
C GLN A 36 -19.54 -5.41 5.29
N TYR A 37 -18.36 -5.24 4.69
CA TYR A 37 -17.17 -4.94 5.48
C TYR A 37 -17.32 -3.62 6.23
N CYS A 38 -17.91 -2.61 5.57
CA CYS A 38 -18.12 -1.32 6.24
C CYS A 38 -19.06 -1.47 7.43
N THR A 39 -20.08 -2.32 7.30
CA THR A 39 -20.98 -2.58 8.42
C THR A 39 -20.22 -3.20 9.59
N MET A 40 -19.25 -4.08 9.29
CA MET A 40 -18.53 -4.75 10.36
CA MET A 40 -18.52 -4.75 10.35
C MET A 40 -17.54 -3.82 11.05
N ILE A 41 -17.07 -2.78 10.35
CA ILE A 41 -16.12 -1.85 10.97
C ILE A 41 -16.79 -1.13 12.13
N GLY A 42 -18.08 -0.81 12.01
CA GLY A 42 -18.83 -0.18 13.07
C GLY A 42 -19.30 -1.10 14.18
N LEU A 43 -19.07 -2.40 14.06
CA LEU A 43 -19.59 -3.37 15.02
C LEU A 43 -18.52 -4.22 15.69
N TYR A 44 -17.24 -4.05 15.33
CA TYR A 44 -16.27 -5.07 15.69
C TYR A 44 -15.95 -5.07 17.18
N ASP A 45 -16.14 -3.95 17.86
CA ASP A 45 -15.88 -3.94 19.30
C ASP A 45 -16.99 -4.63 20.09
N GLU A 46 -18.08 -5.03 19.44
CA GLU A 46 -19.09 -5.88 20.04
C GLU A 46 -18.77 -7.36 19.93
N LEU A 47 -17.71 -7.72 19.21
CA LEU A 47 -17.31 -9.11 19.02
C LEU A 47 -16.47 -9.58 20.22
N THR A 48 -17.08 -9.48 21.40
CA THR A 48 -16.43 -9.84 22.65
C THR A 48 -17.14 -10.96 23.40
N ASP A 49 -18.25 -11.47 22.89
CA ASP A 49 -18.93 -12.62 23.48
C ASP A 49 -19.44 -13.51 22.37
N GLN A 50 -19.63 -14.79 22.69
CA GLN A 50 -19.99 -15.78 21.68
C GLN A 50 -21.41 -15.56 21.15
N GLU A 51 -22.28 -14.92 21.92
CA GLU A 51 -23.64 -14.68 21.44
C GLU A 51 -23.67 -13.63 20.35
N SER A 52 -22.94 -12.53 20.55
CA SER A 52 -22.86 -11.50 19.52
C SER A 52 -22.20 -12.04 18.25
N ILE A 53 -21.10 -12.77 18.42
CA ILE A 53 -20.39 -13.34 17.26
C ILE A 53 -21.34 -14.21 16.43
N SER A 54 -22.25 -14.92 17.11
CA SER A 54 -23.19 -15.77 16.38
C SER A 54 -24.26 -14.96 15.66
N GLN A 55 -24.78 -13.92 16.33
CA GLN A 55 -25.94 -13.21 15.80
C GLN A 55 -25.57 -12.19 14.72
N ILE A 56 -24.37 -11.61 14.80
CA ILE A 56 -24.01 -10.52 13.88
C ILE A 56 -24.19 -10.89 12.41
N PRO A 57 -23.68 -12.03 11.92
CA PRO A 57 -23.80 -12.30 10.48
C PRO A 57 -25.24 -12.37 9.99
N THR A 58 -26.13 -13.03 10.75
CA THR A 58 -27.51 -13.16 10.31
C THR A 58 -28.31 -11.89 10.59
N LYS A 59 -28.02 -11.20 11.70
CA LYS A 59 -28.78 -9.99 12.02
C LYS A 59 -28.51 -8.88 11.02
N TYR A 60 -27.25 -8.70 10.62
CA TYR A 60 -26.88 -7.62 9.70
C TYR A 60 -26.70 -8.12 8.27
N SER A 61 -27.13 -9.34 7.96
CA SER A 61 -27.10 -9.88 6.61
C SER A 61 -25.68 -9.89 6.04
N ILE A 62 -24.75 -10.41 6.83
CA ILE A 62 -23.35 -10.55 6.42
C ILE A 62 -23.16 -11.96 5.89
N ASP A 63 -22.66 -12.08 4.66
CA ASP A 63 -22.33 -13.38 4.12
C ASP A 63 -21.33 -14.07 5.04
N PRO A 64 -21.56 -15.33 5.43
CA PRO A 64 -20.67 -15.99 6.40
C PRO A 64 -19.21 -16.00 5.98
N ILE A 65 -18.92 -16.07 4.67
CA ILE A 65 -17.52 -16.04 4.26
C ILE A 65 -16.95 -14.64 4.39
N ASN A 66 -17.79 -13.60 4.22
CA ASN A 66 -17.32 -12.24 4.46
C ASN A 66 -17.12 -11.97 5.95
N PHE A 67 -17.96 -12.58 6.80
CA PHE A 67 -17.74 -12.48 8.23
C PHE A 67 -16.45 -13.16 8.64
N GLN A 68 -16.17 -14.34 8.08
CA GLN A 68 -14.93 -15.03 8.38
C GLN A 68 -13.72 -14.22 7.92
N LYS A 69 -13.81 -13.63 6.72
CA LYS A 69 -12.69 -12.85 6.20
C LYS A 69 -12.46 -11.59 7.03
N PHE A 70 -13.52 -10.96 7.52
CA PHE A 70 -13.36 -9.77 8.33
C PHE A 70 -12.67 -10.08 9.66
N THR A 71 -13.12 -11.14 10.34
CA THR A 71 -12.52 -11.50 11.61
C THR A 71 -11.04 -11.85 11.46
N ARG A 72 -10.64 -12.32 10.27
CA ARG A 72 -9.23 -12.60 10.02
C ARG A 72 -8.44 -11.31 9.76
N VAL A 73 -9.01 -10.38 8.99
CA VAL A 73 -8.36 -9.08 8.83
C VAL A 73 -8.27 -8.37 10.18
N LEU A 74 -9.31 -8.46 10.99
CA LEU A 74 -9.30 -7.85 12.31
C LEU A 74 -8.26 -8.50 13.21
N THR A 75 -8.07 -9.82 13.08
CA THR A 75 -7.06 -10.51 13.87
C THR A 75 -5.65 -10.03 13.51
N VAL A 76 -5.36 -9.90 12.21
CA VAL A 76 -4.07 -9.35 11.79
C VAL A 76 -3.89 -7.95 12.35
N ALA A 77 -4.96 -7.15 12.35
CA ALA A 77 -4.89 -5.82 12.95
C ALA A 77 -4.53 -5.89 14.43
N ILE A 78 -5.17 -6.82 15.16
CA ILE A 78 -4.87 -7.00 16.58
C ILE A 78 -3.41 -7.40 16.76
N TYR A 79 -2.92 -8.33 15.94
CA TYR A 79 -1.51 -8.73 16.01
C TYR A 79 -0.59 -7.53 15.84
N ASN A 80 -0.97 -6.58 14.98
CA ASN A 80 -0.08 -5.48 14.64
C ASN A 80 -0.04 -4.39 15.71
N TYR A 81 -1.06 -4.30 16.58
CA TYR A 81 -1.15 -3.20 17.52
C TYR A 81 -1.25 -3.64 18.98
N ASP A 82 -1.27 -4.94 19.26
CA ASP A 82 -1.45 -5.39 20.63
C ASP A 82 -0.18 -5.20 21.44
N VAL A 83 -0.35 -4.88 22.72
CA VAL A 83 0.73 -4.77 23.69
C VAL A 83 0.34 -5.53 24.93
N ASN A 84 1.19 -6.47 25.35
CA ASN A 84 0.93 -7.31 26.53
C ASN A 84 -0.36 -8.10 26.41
N TYR A 85 -0.77 -8.40 25.17
CA TYR A 85 -1.96 -9.20 24.88
C TYR A 85 -3.23 -8.59 25.48
N ILE A 86 -3.28 -7.28 25.66
CA ILE A 86 -4.48 -6.67 26.21
C ILE A 86 -5.62 -6.68 25.19
N LEU A 87 -5.31 -6.51 23.91
CA LEU A 87 -6.35 -6.63 22.89
C LEU A 87 -6.78 -8.08 22.72
N ALA A 88 -5.82 -9.00 22.71
CA ALA A 88 -6.16 -10.41 22.62
C ALA A 88 -7.00 -10.86 23.81
N GLU A 89 -6.73 -10.30 24.99
CA GLU A 89 -7.54 -10.61 26.16
C GLU A 89 -8.96 -10.08 25.99
N LYS A 90 -9.09 -8.82 25.58
CA LYS A 90 -10.41 -8.24 25.40
C LYS A 90 -11.22 -8.99 24.34
N TYR A 91 -10.59 -9.36 23.24
CA TYR A 91 -11.24 -10.12 22.17
C TYR A 91 -10.94 -11.61 22.26
N LYS A 92 -10.96 -12.16 23.47
CA LYS A 92 -10.65 -13.57 23.63
C LYS A 92 -11.73 -14.46 23.02
N GLU A 93 -12.99 -14.01 23.04
CA GLU A 93 -14.05 -14.79 22.42
C GLU A 93 -13.96 -14.74 20.89
N LEU A 94 -13.39 -13.66 20.35
CA LEU A 94 -13.11 -13.61 18.92
C LEU A 94 -12.11 -14.68 18.52
N PHE A 95 -11.02 -14.80 19.29
CA PHE A 95 -10.03 -15.85 19.02
C PHE A 95 -10.63 -17.24 19.20
N GLU A 96 -11.59 -17.40 20.12
CA GLU A 96 -12.28 -18.67 20.25
C GLU A 96 -13.06 -19.02 18.99
N PHE A 97 -13.60 -18.01 18.30
CA PHE A 97 -14.35 -18.26 17.08
C PHE A 97 -13.42 -18.48 15.89
N THR A 98 -12.42 -17.61 15.73
CA THR A 98 -11.53 -17.70 14.58
C THR A 98 -10.56 -18.87 14.67
N ASN A 99 -10.32 -19.39 15.88
CA ASN A 99 -9.32 -20.42 16.12
C ASN A 99 -7.91 -19.96 15.75
N MET A 100 -7.69 -18.65 15.72
CA MET A 100 -6.35 -18.10 15.51
C MET A 100 -5.56 -18.12 16.80
N ASP A 101 -4.24 -18.15 16.67
CA ASP A 101 -3.36 -18.27 17.83
C ASP A 101 -3.41 -17.01 18.68
N PRO A 102 -3.97 -17.06 19.90
CA PRO A 102 -4.01 -15.85 20.74
C PRO A 102 -2.69 -15.50 21.38
N ASP A 103 -1.71 -16.41 21.35
CA ASP A 103 -0.39 -16.14 21.91
C ASP A 103 0.59 -15.59 20.88
N PHE A 104 0.23 -15.58 19.61
CA PHE A 104 1.12 -15.07 18.59
C PHE A 104 1.34 -13.57 18.76
N SER A 105 2.60 -13.16 18.74
CA SER A 105 2.96 -11.75 18.78
C SER A 105 4.23 -11.57 17.95
N PRO A 106 4.17 -10.76 16.89
CA PRO A 106 5.32 -10.68 15.97
C PRO A 106 6.54 -10.08 16.65
N LYS A 107 7.69 -10.25 15.99
CA LYS A 107 8.94 -9.68 16.49
C LYS A 107 8.80 -8.17 16.68
N TYR A 108 8.39 -7.48 15.62
CA TYR A 108 8.09 -6.05 15.68
C TYR A 108 6.62 -5.83 15.33
N ARG A 109 6.06 -4.74 15.84
CA ARG A 109 4.66 -4.41 15.61
CA ARG A 109 4.67 -4.42 15.58
C ARG A 109 4.52 -2.97 15.14
N PHE A 110 3.28 -2.48 15.09
CA PHE A 110 2.99 -1.10 14.69
C PHE A 110 3.54 -0.80 13.29
N TYR A 111 3.46 -1.77 12.40
CA TYR A 111 3.75 -1.52 11.00
C TYR A 111 2.69 -0.60 10.39
N SER A 112 3.03 0.00 9.27
CA SER A 112 2.10 0.86 8.56
C SER A 112 0.84 0.08 8.19
N PRO A 113 -0.35 0.64 8.41
CA PRO A 113 -1.57 -0.09 7.99
C PRO A 113 -1.70 -0.22 6.49
N ILE A 114 -1.25 0.78 5.73
CA ILE A 114 -1.28 0.69 4.27
C ILE A 114 -0.31 -0.37 3.79
N ALA A 115 0.91 -0.38 4.33
CA ALA A 115 1.90 -1.37 3.92
C ALA A 115 1.46 -2.77 4.32
N THR A 116 0.93 -2.93 5.53
CA THR A 116 0.53 -4.25 6.00
C THR A 116 -0.64 -4.80 5.19
N CYS A 117 -1.64 -3.97 4.92
CA CYS A 117 -2.79 -4.42 4.13
C CYS A 117 -2.39 -4.74 2.69
N SER A 118 -1.36 -4.07 2.17
CA SER A 118 -0.89 -4.38 0.83
C SER A 118 -0.31 -5.80 0.77
N TYR A 119 0.42 -6.20 1.81
CA TYR A 119 0.86 -7.59 1.90
C TYR A 119 -0.31 -8.53 2.12
N LEU A 120 -1.25 -8.14 3.01
CA LEU A 120 -2.35 -9.02 3.36
C LEU A 120 -3.28 -9.27 2.18
N SER A 121 -3.38 -8.31 1.25
CA SER A 121 -4.24 -8.48 0.09
C SER A 121 -3.75 -9.58 -0.83
N GLN A 122 -2.51 -10.03 -0.68
CA GLN A 122 -1.96 -11.08 -1.53
C GLN A 122 -2.33 -12.48 -1.06
N TYR A 123 -2.92 -12.62 0.11
CA TYR A 123 -3.18 -13.92 0.72
C TYR A 123 -4.64 -14.31 0.58
N ASP A 124 -4.88 -15.63 0.59
CA ASP A 124 -6.21 -16.19 0.68
C ASP A 124 -6.66 -16.14 2.14
N LEU A 125 -7.61 -15.26 2.45
CA LEU A 125 -7.98 -15.03 3.83
C LEU A 125 -8.67 -16.23 4.46
N ILE A 126 -9.32 -17.06 3.66
CA ILE A 126 -10.01 -18.24 4.17
C ILE A 126 -9.16 -19.51 4.02
N SER A 127 -7.85 -19.35 3.87
CA SER A 127 -6.97 -20.51 3.78
C SER A 127 -6.94 -21.25 5.11
N GLU A 128 -6.85 -22.59 5.02
CA GLU A 128 -6.74 -23.40 6.23
C GLU A 128 -5.35 -23.32 6.87
N SER A 129 -4.37 -22.78 6.15
CA SER A 129 -3.04 -22.51 6.69
C SER A 129 -2.81 -21.00 6.84
N PHE A 130 -3.88 -20.24 7.11
CA PHE A 130 -3.76 -18.79 7.20
C PHE A 130 -2.88 -18.36 8.36
N GLN A 131 -2.85 -19.15 9.43
CA GLN A 131 -1.98 -18.82 10.55
C GLN A 131 -0.51 -18.79 10.13
N GLN A 132 -0.10 -19.76 9.30
CA GLN A 132 1.25 -19.76 8.78
C GLN A 132 1.48 -18.63 7.79
N ASP A 133 0.44 -18.24 7.05
CA ASP A 133 0.57 -17.09 6.14
C ASP A 133 0.78 -15.80 6.93
N VAL A 134 0.09 -15.65 8.07
CA VAL A 134 0.28 -14.46 8.90
C VAL A 134 1.70 -14.40 9.42
N THR A 135 2.26 -15.55 9.82
CA THR A 135 3.64 -15.58 10.26
C THR A 135 4.59 -15.20 9.13
N LYS A 136 4.33 -15.68 7.91
CA LYS A 136 5.13 -15.26 6.76
C LYS A 136 4.95 -13.78 6.49
N LEU A 137 3.73 -13.26 6.67
CA LEU A 137 3.47 -11.86 6.40
C LEU A 137 4.34 -10.95 7.26
N PHE A 138 4.31 -11.14 8.58
CA PHE A 138 5.09 -10.29 9.47
C PHE A 138 6.58 -10.52 9.31
N ASP A 139 7.00 -11.72 8.90
CA ASP A 139 8.41 -11.94 8.61
C ASP A 139 8.85 -11.18 7.38
N ARG A 140 8.03 -11.17 6.33
CA ARG A 140 8.39 -10.44 5.12
C ARG A 140 8.51 -8.94 5.39
N MET A 141 7.59 -8.39 6.19
CA MET A 141 7.65 -6.97 6.49
C MET A 141 8.88 -6.62 7.34
N HIS A 142 9.31 -7.54 8.20
CA HIS A 142 10.47 -7.28 9.04
C HIS A 142 11.76 -7.35 8.24
N LYS A 143 11.85 -8.27 7.27
N LYS A 143 11.85 -8.29 7.29
CA LYS A 143 13.09 -8.44 6.53
CA LYS A 143 13.08 -8.45 6.52
C LYS A 143 13.34 -7.31 5.54
C LYS A 143 13.34 -7.29 5.57
N GLN A 144 12.29 -6.56 5.15
CA GLN A 144 12.46 -5.41 4.27
C GLN A 144 12.56 -4.10 5.04
N GLN A 145 12.10 -4.06 6.28
CA GLN A 145 11.96 -2.80 6.99
C GLN A 145 13.32 -2.21 7.34
N PRO A 146 13.59 -0.94 7.03
CA PRO A 146 14.82 -0.32 7.50
C PRO A 146 14.88 -0.27 9.02
N GLY A 147 16.10 -0.21 9.54
CA GLY A 147 16.27 -0.18 10.98
C GLY A 147 15.72 1.06 11.64
N CYS A 148 15.69 2.18 10.90
CA CYS A 148 15.18 3.43 11.47
C CYS A 148 13.71 3.30 11.86
N MET A 149 12.93 2.61 11.05
CA MET A 149 11.51 2.43 11.37
C MET A 149 11.33 1.41 12.48
N LEU A 150 12.06 0.30 12.41
CA LEU A 150 11.99 -0.70 13.46
C LEU A 150 12.36 -0.12 14.82
N MET A 151 13.29 0.84 14.84
CA MET A 151 13.61 1.56 16.06
C MET A 151 12.36 2.13 16.72
N ASN A 152 11.65 2.98 15.99
CA ASN A 152 10.46 3.62 16.55
C ASN A 152 9.36 2.61 16.85
N GLN A 153 9.27 1.53 16.07
CA GLN A 153 8.27 0.50 16.35
C GLN A 153 8.52 -0.16 17.70
N ILE A 154 9.79 -0.42 18.03
CA ILE A 154 10.12 -0.90 19.37
C ILE A 154 9.84 0.17 20.41
N MET A 155 10.15 1.43 20.08
CA MET A 155 10.00 2.53 21.03
C MET A 155 8.55 2.68 21.49
N VAL A 156 7.61 2.67 20.54
CA VAL A 156 6.20 2.79 20.90
C VAL A 156 5.76 1.57 21.70
N SER A 157 6.22 0.38 21.30
CA SER A 157 5.82 -0.83 22.00
C SER A 157 6.35 -0.84 23.44
N ASN A 158 7.58 -0.35 23.64
CA ASN A 158 8.12 -0.28 24.99
C ASN A 158 7.45 0.81 25.81
N LEU A 159 7.12 1.94 25.17
CA LEU A 159 6.45 3.02 25.88
C LEU A 159 5.09 2.57 26.41
N ILE A 160 4.34 1.82 25.61
CA ILE A 160 3.02 1.35 26.04
C ILE A 160 3.17 0.31 27.14
N LYS A 161 4.19 -0.55 27.05
CA LYS A 161 4.45 -1.51 28.12
C LYS A 161 4.79 -0.79 29.41
N ASN A 162 5.63 0.25 29.34
CA ASN A 162 5.98 1.01 30.53
C ASN A 162 4.75 1.66 31.15
N LEU A 163 3.90 2.27 30.31
CA LEU A 163 2.68 2.90 30.83
C LEU A 163 1.77 1.89 31.50
N LEU A 164 1.67 0.67 30.95
CA LEU A 164 0.75 -0.32 31.52
C LEU A 164 1.26 -0.83 32.87
N LYS A 165 2.55 -1.12 32.97
CA LYS A 165 3.08 -1.71 34.20
C LYS A 165 3.18 -0.66 35.30
N ASN A 166 3.81 0.48 35.00
CA ASN A 166 3.99 1.54 36.00
C ASN A 166 2.87 2.57 35.97
N VAL A 167 1.67 2.18 35.53
CA VAL A 167 0.47 3.03 35.46
C VAL A 167 0.77 4.45 34.99
N GLY B 1 -13.75 10.24 -36.90
CA GLY B 1 -12.49 10.75 -36.40
C GLY B 1 -11.29 10.02 -36.97
N HIS B 2 -10.22 10.77 -37.24
CA HIS B 2 -9.01 10.21 -37.80
C HIS B 2 -8.42 9.16 -36.85
N MET B 3 -7.66 8.22 -37.42
CA MET B 3 -7.08 7.14 -36.62
C MET B 3 -6.16 7.66 -35.53
N ASN B 4 -5.48 8.78 -35.76
CA ASN B 4 -4.54 9.30 -34.77
C ASN B 4 -5.25 9.74 -33.50
N THR B 5 -6.56 9.94 -33.54
CA THR B 5 -7.31 10.26 -32.32
C THR B 5 -7.28 9.10 -31.33
N ILE B 6 -7.04 7.87 -31.78
CA ILE B 6 -6.89 6.74 -30.87
C ILE B 6 -5.76 7.02 -29.87
N LYS B 7 -4.66 7.60 -30.34
CA LYS B 7 -3.56 7.95 -29.45
C LYS B 7 -4.02 8.93 -28.38
N THR B 8 -4.83 9.92 -28.75
CA THR B 8 -5.32 10.89 -27.78
C THR B 8 -6.24 10.22 -26.76
N VAL B 9 -7.08 9.28 -27.21
CA VAL B 9 -7.97 8.58 -26.29
C VAL B 9 -7.17 7.76 -25.29
N ILE B 10 -6.12 7.09 -25.75
CA ILE B 10 -5.32 6.24 -24.86
C ILE B 10 -4.56 7.09 -23.84
N ILE B 11 -3.94 8.17 -24.30
CA ILE B 11 -3.21 9.06 -23.40
C ILE B 11 -4.14 9.62 -22.33
N SER B 12 -5.35 10.00 -22.72
CA SER B 12 -6.32 10.49 -21.75
C SER B 12 -6.63 9.44 -20.70
N GLU B 13 -6.69 8.17 -21.11
CA GLU B 13 -6.99 7.10 -20.16
C GLU B 13 -5.79 6.77 -19.29
N LEU B 14 -4.58 6.78 -19.85
CA LEU B 14 -3.39 6.51 -19.06
C LEU B 14 -3.15 7.60 -18.02
N GLU B 15 -3.48 8.84 -18.35
CA GLU B 15 -3.30 9.93 -17.38
C GLU B 15 -4.31 9.85 -16.26
N LYS B 16 -5.47 9.24 -16.50
CA LYS B 16 -6.40 8.97 -15.41
C LYS B 16 -5.77 8.02 -14.39
N ASN B 17 -5.01 7.03 -14.87
CA ASN B 17 -4.28 6.16 -13.95
C ASN B 17 -3.11 6.89 -13.30
N VAL B 18 -2.50 7.83 -14.01
CA VAL B 18 -1.47 8.67 -13.40
C VAL B 18 -2.06 9.49 -12.26
N ASP B 19 -3.26 10.03 -12.46
CA ASP B 19 -3.93 10.78 -11.39
C ASP B 19 -4.13 9.93 -10.15
N GLU B 20 -4.64 8.71 -10.34
CA GLU B 20 -4.85 7.81 -9.21
C GLU B 20 -3.52 7.43 -8.57
N PHE B 21 -2.47 7.25 -9.38
CA PHE B 21 -1.15 6.97 -8.83
C PHE B 21 -0.67 8.13 -7.98
N LEU B 22 -0.80 9.36 -8.48
CA LEU B 22 -0.34 10.53 -7.72
C LEU B 22 -1.14 10.70 -6.44
N ASN B 23 -2.45 10.46 -6.51
CA ASN B 23 -3.28 10.58 -5.30
C ASN B 23 -2.93 9.51 -4.27
N SER B 24 -2.39 8.37 -4.71
CA SER B 24 -2.01 7.33 -3.76
C SER B 24 -0.79 7.73 -2.94
N TYR B 25 0.14 8.47 -3.52
CA TYR B 25 1.33 8.87 -2.77
C TYR B 25 1.03 9.97 -1.75
N LEU B 26 -0.13 10.63 -1.86
CA LEU B 26 -0.51 11.63 -0.89
C LEU B 26 -0.56 11.10 0.53
N GLU B 27 -0.71 9.78 0.70
CA GLU B 27 -0.75 9.19 2.02
C GLU B 27 0.56 9.36 2.78
N TYR B 28 1.67 9.60 2.07
CA TYR B 28 2.98 9.71 2.69
C TYR B 28 3.46 11.15 2.81
N LEU B 29 2.54 12.11 2.76
CA LEU B 29 2.86 13.52 2.87
C LEU B 29 1.87 14.19 3.82
N LYS B 30 2.36 15.19 4.56
CA LYS B 30 1.53 15.92 5.51
C LYS B 30 1.83 17.41 5.40
N TYR B 31 0.89 18.20 5.90
CA TYR B 31 1.07 19.65 6.13
C TYR B 31 1.36 20.33 4.80
N ASP B 32 2.36 21.21 4.71
CA ASP B 32 2.57 21.98 3.50
C ASP B 32 3.12 21.12 2.36
N ASP B 33 3.87 20.06 2.69
CA ASP B 33 4.30 19.12 1.65
C ASP B 33 3.10 18.48 0.97
N TYR B 34 2.05 18.18 1.74
CA TYR B 34 0.82 17.65 1.17
C TYR B 34 0.14 18.68 0.28
N ASP B 35 0.15 19.94 0.70
CA ASP B 35 -0.57 20.98 -0.04
C ASP B 35 0.10 21.28 -1.38
N GLN B 36 1.42 21.41 -1.39
CA GLN B 36 2.12 21.70 -2.63
C GLN B 36 2.02 20.53 -3.61
N TYR B 37 2.02 19.30 -3.09
CA TYR B 37 1.87 18.14 -3.95
C TYR B 37 0.47 18.08 -4.56
N CYS B 38 -0.55 18.42 -3.77
CA CYS B 38 -1.92 18.43 -4.31
C CYS B 38 -2.06 19.43 -5.45
N THR B 39 -1.44 20.60 -5.31
CA THR B 39 -1.50 21.61 -6.36
C THR B 39 -0.87 21.08 -7.65
N MET B 40 0.20 20.29 -7.54
CA MET B 40 0.91 19.81 -8.71
C MET B 40 0.12 18.72 -9.45
N ILE B 41 -0.73 17.99 -8.75
CA ILE B 41 -1.50 16.92 -9.39
C ILE B 41 -2.40 17.49 -10.48
N GLY B 42 -2.93 18.69 -10.27
CA GLY B 42 -3.76 19.31 -11.27
C GLY B 42 -3.03 20.11 -12.32
N LEU B 43 -1.69 20.12 -12.29
CA LEU B 43 -0.90 20.92 -13.20
C LEU B 43 0.11 20.13 -14.02
N TYR B 44 0.26 18.82 -13.78
CA TYR B 44 1.37 18.10 -14.38
C TYR B 44 1.24 17.96 -15.89
N ASP B 45 0.02 18.03 -16.44
CA ASP B 45 -0.13 17.94 -17.88
C ASP B 45 0.38 19.18 -18.61
N GLU B 46 0.75 20.24 -17.87
CA GLU B 46 1.38 21.41 -18.45
C GLU B 46 2.90 21.33 -18.45
N LEU B 47 3.47 20.26 -17.90
CA LEU B 47 4.92 20.10 -17.82
C LEU B 47 5.44 19.40 -19.08
N THR B 48 5.20 20.04 -20.22
CA THR B 48 5.61 19.50 -21.51
C THR B 48 6.61 20.40 -22.24
N ASP B 49 7.00 21.53 -21.65
CA ASP B 49 8.05 22.36 -22.22
C ASP B 49 8.84 22.99 -21.09
N GLN B 50 10.08 23.35 -21.39
CA GLN B 50 11.00 23.80 -20.34
C GLN B 50 10.58 25.10 -19.70
N GLU B 51 9.95 26.00 -20.46
CA GLU B 51 9.53 27.27 -19.88
C GLU B 51 8.39 27.09 -18.88
N SER B 52 7.49 26.14 -19.14
CA SER B 52 6.43 25.85 -18.19
C SER B 52 6.97 25.12 -16.96
N ILE B 53 7.90 24.18 -17.18
CA ILE B 53 8.53 23.48 -16.07
C ILE B 53 9.25 24.45 -15.16
N SER B 54 9.83 25.51 -15.72
CA SER B 54 10.54 26.49 -14.91
C SER B 54 9.59 27.40 -14.14
N GLN B 55 8.42 27.71 -14.71
CA GLN B 55 7.57 28.76 -14.16
C GLN B 55 6.48 28.23 -13.24
N ILE B 56 6.07 26.96 -13.39
CA ILE B 56 5.01 26.41 -12.53
C ILE B 56 5.35 26.52 -11.05
N PRO B 57 6.56 26.15 -10.59
CA PRO B 57 6.84 26.28 -9.14
C PRO B 57 6.69 27.70 -8.61
N THR B 58 7.18 28.70 -9.34
CA THR B 58 7.11 30.07 -8.86
C THR B 58 5.67 30.59 -8.87
N LYS B 59 4.94 30.31 -9.94
CA LYS B 59 3.58 30.83 -10.09
C LYS B 59 2.65 30.27 -9.02
N TYR B 60 2.85 29.00 -8.64
CA TYR B 60 1.99 28.34 -7.66
C TYR B 60 2.68 28.11 -6.33
N SER B 61 3.85 28.71 -6.12
CA SER B 61 4.53 28.71 -4.82
C SER B 61 4.88 27.30 -4.34
N ILE B 62 5.46 26.52 -5.24
CA ILE B 62 5.94 25.17 -4.92
C ILE B 62 7.42 25.24 -4.65
N ASP B 63 7.84 24.75 -3.49
CA ASP B 63 9.26 24.76 -3.15
C ASP B 63 10.03 23.86 -4.12
N PRO B 64 11.23 24.29 -4.56
CA PRO B 64 12.00 23.47 -5.51
C PRO B 64 12.17 22.02 -5.09
N ILE B 65 12.39 21.77 -3.80
CA ILE B 65 12.59 20.40 -3.34
C ILE B 65 11.30 19.58 -3.51
N ASN B 66 10.15 20.20 -3.26
CA ASN B 66 8.89 19.48 -3.43
C ASN B 66 8.55 19.31 -4.90
N PHE B 67 8.87 20.31 -5.73
CA PHE B 67 8.66 20.17 -7.16
C PHE B 67 9.52 19.05 -7.73
N GLN B 68 10.78 18.96 -7.30
CA GLN B 68 11.64 17.88 -7.76
C GLN B 68 11.12 16.52 -7.32
N LYS B 69 10.67 16.41 -6.07
CA LYS B 69 10.13 15.14 -5.59
C LYS B 69 8.82 14.78 -6.29
N PHE B 70 8.02 15.78 -6.66
CA PHE B 70 6.79 15.49 -7.39
C PHE B 70 7.08 14.94 -8.78
N THR B 71 8.04 15.55 -9.49
CA THR B 71 8.35 15.09 -10.84
C THR B 71 8.94 13.69 -10.84
N ARG B 72 9.57 13.28 -9.73
CA ARG B 72 10.12 11.93 -9.65
C ARG B 72 9.02 10.91 -9.36
N VAL B 73 8.02 11.28 -8.56
CA VAL B 73 6.86 10.42 -8.39
C VAL B 73 6.07 10.33 -9.68
N LEU B 74 5.96 11.46 -10.40
CA LEU B 74 5.30 11.47 -11.70
C LEU B 74 6.02 10.57 -12.70
N THR B 75 7.35 10.52 -12.62
CA THR B 75 8.11 9.69 -13.54
C THR B 75 7.86 8.20 -13.29
N VAL B 76 7.77 7.81 -12.01
CA VAL B 76 7.47 6.41 -11.70
C VAL B 76 6.06 6.06 -12.16
N ALA B 77 5.12 7.00 -12.04
CA ALA B 77 3.77 6.76 -12.55
C ALA B 77 3.78 6.57 -14.06
N ILE B 78 4.57 7.38 -14.78
CA ILE B 78 4.68 7.23 -16.22
C ILE B 78 5.28 5.87 -16.57
N TYR B 79 6.32 5.46 -15.83
CA TYR B 79 6.90 4.14 -16.04
C TYR B 79 5.86 3.03 -15.87
N ASN B 80 4.96 3.19 -14.91
CA ASN B 80 4.01 2.13 -14.59
C ASN B 80 2.85 2.03 -15.57
N TYR B 81 2.59 3.08 -16.37
CA TYR B 81 1.42 3.09 -17.23
C TYR B 81 1.72 3.33 -18.70
N ASP B 82 2.97 3.60 -19.07
CA ASP B 82 3.29 3.93 -20.44
C ASP B 82 3.18 2.70 -21.35
N VAL B 83 2.77 2.94 -22.59
CA VAL B 83 2.74 1.91 -23.62
C VAL B 83 3.30 2.53 -24.90
N ASN B 84 4.29 1.87 -25.50
CA ASN B 84 4.96 2.35 -26.71
C ASN B 84 5.57 3.74 -26.51
N TYR B 85 5.94 4.06 -25.27
CA TYR B 85 6.61 5.32 -24.93
C TYR B 85 5.79 6.55 -25.32
N ILE B 86 4.46 6.44 -25.35
CA ILE B 86 3.65 7.59 -25.74
C ILE B 86 3.61 8.63 -24.63
N LEU B 87 3.67 8.20 -23.37
CA LEU B 87 3.73 9.16 -22.27
C LEU B 87 5.12 9.78 -22.15
N ALA B 88 6.16 8.94 -22.23
CA ALA B 88 7.52 9.47 -22.20
C ALA B 88 7.77 10.43 -23.34
N GLU B 89 7.12 10.22 -24.49
CA GLU B 89 7.28 11.13 -25.62
C GLU B 89 6.54 12.43 -25.38
N LYS B 90 5.34 12.36 -24.80
CA LYS B 90 4.59 13.58 -24.50
C LYS B 90 5.31 14.40 -23.44
N TYR B 91 5.88 13.73 -22.44
CA TYR B 91 6.58 14.40 -21.35
C TYR B 91 8.09 14.31 -21.50
N LYS B 92 8.59 14.38 -22.74
CA LYS B 92 10.03 14.28 -22.95
C LYS B 92 10.79 15.43 -22.32
N GLU B 93 10.19 16.61 -22.26
CA GLU B 93 10.84 17.74 -21.61
C GLU B 93 10.89 17.57 -20.09
N LEU B 94 9.94 16.83 -19.52
CA LEU B 94 10.02 16.48 -18.11
C LEU B 94 11.24 15.60 -17.84
N PHE B 95 11.47 14.61 -18.70
CA PHE B 95 12.66 13.76 -18.55
C PHE B 95 13.94 14.56 -18.75
N GLU B 96 13.89 15.64 -19.54
CA GLU B 96 15.04 16.52 -19.65
C GLU B 96 15.32 17.22 -18.32
N PHE B 97 14.27 17.62 -17.62
CA PHE B 97 14.45 18.31 -16.34
C PHE B 97 14.88 17.34 -15.24
N THR B 98 14.20 16.20 -15.14
CA THR B 98 14.49 15.24 -14.08
C THR B 98 15.77 14.45 -14.32
N ASN B 99 16.29 14.44 -15.55
CA ASN B 99 17.43 13.62 -15.95
C ASN B 99 17.15 12.12 -15.77
N MET B 100 15.88 11.73 -15.71
CA MET B 100 15.52 10.33 -15.67
C MET B 100 15.58 9.73 -17.07
N ASP B 101 15.77 8.42 -17.12
CA ASP B 101 15.91 7.72 -18.39
C ASP B 101 14.59 7.67 -19.13
N PRO B 102 14.45 8.33 -20.28
CA PRO B 102 13.19 8.26 -21.03
C PRO B 102 12.98 6.95 -21.76
N ASP B 103 14.00 6.10 -21.86
CA ASP B 103 13.91 4.84 -22.57
C ASP B 103 13.70 3.65 -21.64
N PHE B 104 13.68 3.88 -20.33
CA PHE B 104 13.46 2.78 -19.40
C PHE B 104 12.02 2.27 -19.51
N SER B 105 11.88 0.94 -19.42
CA SER B 105 10.58 0.31 -19.43
C SER B 105 10.65 -0.98 -18.62
N PRO B 106 9.85 -1.12 -17.56
CA PRO B 106 9.91 -2.33 -16.73
C PRO B 106 9.43 -3.55 -17.51
N LYS B 107 9.73 -4.72 -16.92
CA LYS B 107 9.35 -5.98 -17.55
C LYS B 107 7.83 -6.08 -17.69
N TYR B 108 7.10 -5.64 -16.67
CA TYR B 108 5.64 -5.56 -16.72
C TYR B 108 5.21 -4.17 -16.29
N ARG B 109 3.97 -3.82 -16.62
CA ARG B 109 3.41 -2.52 -16.30
C ARG B 109 2.03 -2.68 -15.69
N PHE B 110 1.42 -1.55 -15.34
CA PHE B 110 0.07 -1.51 -14.75
C PHE B 110 0.02 -2.25 -13.41
N TYR B 111 1.07 -2.09 -12.60
CA TYR B 111 1.00 -2.54 -11.22
C TYR B 111 0.03 -1.66 -10.44
N SER B 112 -0.45 -2.20 -9.33
CA SER B 112 -1.39 -1.47 -8.48
C SER B 112 -0.77 -0.17 -8.00
N PRO B 113 -1.50 0.95 -8.05
CA PRO B 113 -0.90 2.22 -7.59
C PRO B 113 -0.65 2.25 -6.09
N ILE B 114 -1.50 1.59 -5.30
CA ILE B 114 -1.29 1.55 -3.85
C ILE B 114 -0.04 0.74 -3.53
N ALA B 115 0.11 -0.43 -4.15
CA ALA B 115 1.28 -1.26 -3.87
C ALA B 115 2.56 -0.58 -4.34
N THR B 116 2.54 0.03 -5.52
CA THR B 116 3.74 0.69 -6.05
C THR B 116 4.14 1.86 -5.17
N CYS B 117 3.17 2.68 -4.75
CA CYS B 117 3.50 3.83 -3.91
C CYS B 117 4.01 3.39 -2.54
N SER B 118 3.57 2.23 -2.06
CA SER B 118 4.08 1.70 -0.81
C SER B 118 5.57 1.34 -0.95
N TYR B 119 5.93 0.67 -2.04
CA TYR B 119 7.34 0.43 -2.34
C TYR B 119 8.08 1.75 -2.50
N LEU B 120 7.48 2.70 -3.24
CA LEU B 120 8.15 3.96 -3.55
C LEU B 120 8.42 4.78 -2.29
N SER B 121 7.57 4.64 -1.26
CA SER B 121 7.75 5.39 -0.03
C SER B 121 8.97 4.93 0.76
N GLN B 122 9.57 3.79 0.40
CA GLN B 122 10.77 3.31 1.09
C GLN B 122 12.05 3.93 0.55
N TYR B 123 11.98 4.72 -0.51
CA TYR B 123 13.17 5.23 -1.18
C TYR B 123 13.30 6.73 -1.00
N ASP B 124 14.56 7.19 -1.02
CA ASP B 124 14.86 8.62 -1.06
C ASP B 124 14.61 9.13 -2.47
N LEU B 125 13.60 9.98 -2.62
CA LEU B 125 13.19 10.40 -3.95
C LEU B 125 14.26 11.24 -4.65
N ILE B 126 15.08 11.96 -3.89
CA ILE B 126 16.10 12.83 -4.47
C ILE B 126 17.49 12.21 -4.37
N SER B 127 17.57 10.88 -4.30
CA SER B 127 18.86 10.21 -4.27
C SER B 127 19.55 10.29 -5.62
N GLU B 128 20.89 10.32 -5.59
CA GLU B 128 21.66 10.32 -6.83
C GLU B 128 21.49 9.02 -7.60
N SER B 129 21.16 7.93 -6.91
CA SER B 129 20.96 6.64 -7.53
C SER B 129 19.49 6.26 -7.64
N PHE B 130 18.60 7.26 -7.76
CA PHE B 130 17.17 6.98 -7.79
C PHE B 130 16.79 6.14 -9.01
N GLN B 131 17.47 6.34 -10.15
CA GLN B 131 17.20 5.52 -11.33
C GLN B 131 17.45 4.06 -11.04
N GLN B 132 18.55 3.75 -10.33
CA GLN B 132 18.80 2.38 -9.91
C GLN B 132 17.76 1.90 -8.89
N ASP B 133 17.28 2.80 -8.03
CA ASP B 133 16.23 2.42 -7.09
C ASP B 133 14.94 2.07 -7.83
N VAL B 134 14.60 2.85 -8.86
CA VAL B 134 13.39 2.58 -9.63
C VAL B 134 13.48 1.24 -10.33
N THR B 135 14.64 0.95 -10.95
CA THR B 135 14.82 -0.35 -11.61
C THR B 135 14.63 -1.49 -10.63
N LYS B 136 15.25 -1.38 -9.44
CA LYS B 136 15.06 -2.38 -8.40
C LYS B 136 13.63 -2.43 -7.90
N LEU B 137 12.95 -1.28 -7.83
CA LEU B 137 11.57 -1.23 -7.39
C LEU B 137 10.68 -2.11 -8.28
N PHE B 138 10.74 -1.89 -9.59
CA PHE B 138 9.89 -2.68 -10.49
C PHE B 138 10.31 -4.13 -10.55
N ASP B 139 11.60 -4.41 -10.35
CA ASP B 139 12.07 -5.80 -10.34
C ASP B 139 11.55 -6.53 -9.10
N ARG B 140 11.52 -5.85 -7.95
CA ARG B 140 10.96 -6.44 -6.75
C ARG B 140 9.48 -6.77 -6.93
N MET B 141 8.71 -5.81 -7.47
CA MET B 141 7.29 -6.06 -7.70
C MET B 141 7.08 -7.18 -8.71
N HIS B 142 7.97 -7.30 -9.69
CA HIS B 142 7.88 -8.39 -10.65
C HIS B 142 8.03 -9.74 -9.96
N LYS B 143 9.08 -9.90 -9.16
CA LYS B 143 9.38 -11.19 -8.56
C LYS B 143 8.38 -11.62 -7.50
N GLN B 144 7.61 -10.68 -6.95
CA GLN B 144 6.60 -10.96 -5.94
CA GLN B 144 6.61 -11.00 -5.94
C GLN B 144 5.20 -11.12 -6.51
N GLN B 145 4.99 -10.74 -7.76
CA GLN B 145 3.65 -10.72 -8.34
C GLN B 145 3.22 -12.14 -8.70
N PRO B 146 1.99 -12.53 -8.37
CA PRO B 146 1.49 -13.83 -8.84
C PRO B 146 1.21 -13.79 -10.34
N GLY B 147 1.37 -14.96 -10.97
CA GLY B 147 1.34 -15.03 -12.42
C GLY B 147 0.04 -14.58 -13.04
N CYS B 148 -1.09 -14.84 -12.36
CA CYS B 148 -2.38 -14.44 -12.90
C CYS B 148 -2.56 -12.93 -12.94
N MET B 149 -1.95 -12.22 -11.99
CA MET B 149 -1.94 -10.77 -12.05
C MET B 149 -1.06 -10.28 -13.18
N LEU B 150 0.13 -10.88 -13.34
CA LEU B 150 1.03 -10.49 -14.41
C LEU B 150 0.38 -10.70 -15.78
N MET B 151 -0.36 -11.80 -15.94
CA MET B 151 -0.96 -12.09 -17.24
C MET B 151 -2.05 -11.08 -17.60
N ASN B 152 -2.73 -10.52 -16.59
CA ASN B 152 -3.69 -9.46 -16.87
C ASN B 152 -2.98 -8.15 -17.19
N GLN B 153 -1.82 -7.91 -16.57
CA GLN B 153 -1.02 -6.74 -16.91
C GLN B 153 -0.43 -6.85 -18.31
N ILE B 154 -0.10 -8.08 -18.73
CA ILE B 154 0.28 -8.31 -20.13
C ILE B 154 -0.89 -8.02 -21.05
N MET B 155 -2.07 -8.52 -20.69
CA MET B 155 -3.24 -8.42 -21.56
C MET B 155 -3.61 -6.96 -21.82
N VAL B 156 -3.56 -6.12 -20.77
CA VAL B 156 -3.90 -4.72 -20.95
C VAL B 156 -2.85 -4.02 -21.82
N SER B 157 -1.57 -4.30 -21.57
CA SER B 157 -0.51 -3.70 -22.38
C SER B 157 -0.61 -4.15 -23.83
N ASN B 158 -0.92 -5.43 -24.06
CA ASN B 158 -1.06 -5.92 -25.42
C ASN B 158 -2.26 -5.28 -26.13
N LEU B 159 -3.36 -5.07 -25.40
CA LEU B 159 -4.54 -4.46 -26.01
C LEU B 159 -4.24 -3.04 -26.46
N ILE B 160 -3.51 -2.27 -25.63
CA ILE B 160 -3.18 -0.90 -26.00
C ILE B 160 -2.18 -0.87 -27.14
N LYS B 161 -1.25 -1.83 -27.16
CA LYS B 161 -0.30 -1.91 -28.26
C LYS B 161 -1.01 -2.19 -29.58
N ASN B 162 -2.01 -3.06 -29.57
CA ASN B 162 -2.75 -3.36 -30.79
C ASN B 162 -3.57 -2.17 -31.25
N LEU B 163 -4.16 -1.42 -30.32
CA LEU B 163 -4.85 -0.19 -30.68
C LEU B 163 -3.90 0.79 -31.35
N LEU B 164 -2.69 0.94 -30.81
CA LEU B 164 -1.72 1.89 -31.36
C LEU B 164 -1.15 1.45 -32.70
N LYS B 165 -1.36 0.20 -33.12
CA LYS B 165 -0.94 -0.22 -34.45
C LYS B 165 -1.68 0.55 -35.54
N ASN B 166 -2.88 1.02 -35.23
CA ASN B 166 -3.67 1.82 -36.17
C ASN B 166 -3.27 3.28 -36.20
N VAL B 167 -2.19 3.65 -35.50
CA VAL B 167 -1.73 5.02 -35.42
C VAL B 167 -0.41 5.13 -36.17
N GLN B 168 -0.38 5.97 -37.19
CA GLN B 168 0.84 6.28 -37.92
C GLN B 168 1.61 7.43 -37.30
N THR B 169 1.15 7.94 -36.16
CA THR B 169 1.78 9.03 -35.41
C THR B 169 1.71 10.35 -36.16
N GLY C 1 -13.92 7.28 -38.25
CA GLY C 1 -14.15 5.88 -38.01
C GLY C 1 -13.20 5.26 -37.00
N HIS C 2 -12.70 6.09 -36.09
CA HIS C 2 -11.75 5.59 -35.09
C HIS C 2 -12.45 4.88 -33.94
N MET C 3 -13.67 5.29 -33.59
CA MET C 3 -14.38 4.63 -32.50
C MET C 3 -14.79 3.21 -32.89
N ASN C 4 -15.15 2.99 -34.16
CA ASN C 4 -15.43 1.65 -34.61
C ASN C 4 -14.16 0.82 -34.71
N THR C 5 -13.02 1.46 -34.99
CA THR C 5 -11.73 0.77 -34.97
C THR C 5 -11.39 0.32 -33.55
N ILE C 6 -11.65 1.17 -32.56
CA ILE C 6 -11.39 0.80 -31.17
C ILE C 6 -12.23 -0.40 -30.77
N LYS C 7 -13.52 -0.36 -31.10
CA LYS C 7 -14.41 -1.46 -30.73
C LYS C 7 -14.03 -2.75 -31.47
N THR C 8 -13.64 -2.64 -32.74
CA THR C 8 -13.25 -3.82 -33.50
C THR C 8 -11.96 -4.42 -32.96
N VAL C 9 -10.97 -3.60 -32.65
CA VAL C 9 -9.70 -4.12 -32.14
C VAL C 9 -9.88 -4.72 -30.76
N ILE C 10 -10.70 -4.08 -29.91
CA ILE C 10 -10.92 -4.61 -28.57
C ILE C 10 -11.62 -5.97 -28.62
N ILE C 11 -12.63 -6.10 -29.49
CA ILE C 11 -13.27 -7.39 -29.69
C ILE C 11 -12.25 -8.43 -30.12
N SER C 12 -11.35 -8.05 -31.04
CA SER C 12 -10.33 -8.99 -31.50
C SER C 12 -9.36 -9.36 -30.39
N GLU C 13 -9.01 -8.40 -29.53
CA GLU C 13 -8.10 -8.68 -28.43
C GLU C 13 -8.74 -9.57 -27.38
N LEU C 14 -10.01 -9.31 -27.04
CA LEU C 14 -10.70 -10.18 -26.10
C LEU C 14 -10.80 -11.60 -26.63
N GLU C 15 -11.03 -11.74 -27.95
CA GLU C 15 -11.08 -13.07 -28.55
C GLU C 15 -9.72 -13.75 -28.50
N LYS C 16 -8.63 -12.99 -28.57
CA LYS C 16 -7.31 -13.57 -28.37
C LYS C 16 -7.20 -14.22 -27.00
N ASN C 17 -7.80 -13.60 -25.98
CA ASN C 17 -7.78 -14.18 -24.65
C ASN C 17 -8.78 -15.33 -24.52
N VAL C 18 -9.91 -15.25 -25.23
CA VAL C 18 -10.81 -16.39 -25.31
C VAL C 18 -10.08 -17.58 -25.93
N ASP C 19 -9.24 -17.32 -26.94
CA ASP C 19 -8.43 -18.38 -27.55
C ASP C 19 -7.54 -19.05 -26.51
N GLU C 20 -6.85 -18.24 -25.69
CA GLU C 20 -5.96 -18.81 -24.69
C GLU C 20 -6.74 -19.54 -23.60
N PHE C 21 -7.95 -19.06 -23.28
CA PHE C 21 -8.83 -19.81 -22.39
C PHE C 21 -9.16 -21.17 -23.00
N LEU C 22 -9.56 -21.17 -24.28
CA LEU C 22 -9.92 -22.42 -24.94
C LEU C 22 -8.72 -23.34 -25.10
N ASN C 23 -7.53 -22.78 -25.33
CA ASN C 23 -6.33 -23.61 -25.38
C ASN C 23 -6.02 -24.23 -24.02
N SER C 24 -6.33 -23.53 -22.94
CA SER C 24 -6.13 -24.10 -21.61
C SER C 24 -7.08 -25.24 -21.34
N TYR C 25 -8.28 -25.22 -21.93
CA TYR C 25 -9.23 -26.30 -21.74
C TYR C 25 -8.85 -27.55 -22.52
N LEU C 26 -7.95 -27.41 -23.51
CA LEU C 26 -7.51 -28.58 -24.27
C LEU C 26 -6.80 -29.60 -23.39
N GLU C 27 -6.18 -29.14 -22.30
CA GLU C 27 -5.49 -30.04 -21.38
C GLU C 27 -6.43 -31.00 -20.68
N TYR C 28 -7.74 -30.80 -20.77
CA TYR C 28 -8.73 -31.69 -20.19
C TYR C 28 -9.40 -32.58 -21.25
N LEU C 29 -8.88 -32.58 -22.47
CA LEU C 29 -9.39 -33.40 -23.55
C LEU C 29 -8.27 -34.27 -24.09
N LYS C 30 -8.62 -35.49 -24.50
CA LYS C 30 -7.65 -36.48 -24.95
C LYS C 30 -8.11 -37.10 -26.25
N TYR C 31 -7.13 -37.47 -27.08
CA TYR C 31 -7.34 -38.27 -28.29
C TYR C 31 -8.21 -37.49 -29.26
N ASP C 32 -9.37 -38.00 -29.68
CA ASP C 32 -10.13 -37.36 -30.75
C ASP C 32 -10.74 -36.04 -30.32
N ASP C 33 -11.12 -35.92 -29.04
CA ASP C 33 -11.70 -34.68 -28.56
C ASP C 33 -10.74 -33.50 -28.73
N TYR C 34 -9.44 -33.78 -28.59
CA TYR C 34 -8.42 -32.74 -28.78
C TYR C 34 -8.49 -32.17 -30.19
N ASP C 35 -8.63 -33.04 -31.19
CA ASP C 35 -8.53 -32.61 -32.58
C ASP C 35 -9.70 -31.70 -32.97
N GLN C 36 -10.92 -32.09 -32.61
CA GLN C 36 -12.09 -31.32 -33.02
C GLN C 36 -12.21 -30.01 -32.26
N TYR C 37 -11.81 -29.98 -30.99
CA TYR C 37 -11.82 -28.72 -30.25
C TYR C 37 -10.80 -27.75 -30.80
N CYS C 38 -9.60 -28.22 -31.15
CA CYS C 38 -8.62 -27.37 -31.82
C CYS C 38 -9.20 -26.74 -33.08
N THR C 39 -9.99 -27.51 -33.83
CA THR C 39 -10.64 -26.97 -35.02
C THR C 39 -11.64 -25.88 -34.64
N MET C 40 -12.50 -26.16 -33.66
CA MET C 40 -13.57 -25.24 -33.30
C MET C 40 -13.03 -23.93 -32.72
N ILE C 41 -11.82 -23.95 -32.14
CA ILE C 41 -11.22 -22.71 -31.67
C ILE C 41 -10.95 -21.77 -32.84
N GLY C 42 -10.68 -22.31 -34.02
CA GLY C 42 -10.36 -21.48 -35.16
C GLY C 42 -11.56 -20.90 -35.88
N LEU C 43 -12.75 -21.44 -35.65
CA LEU C 43 -13.92 -21.04 -36.41
C LEU C 43 -15.06 -20.45 -35.58
N TYR C 44 -14.88 -20.30 -34.27
CA TYR C 44 -16.01 -19.85 -33.44
C TYR C 44 -16.42 -18.42 -33.74
N ASP C 45 -15.59 -17.64 -34.45
CA ASP C 45 -16.01 -16.31 -34.86
C ASP C 45 -17.04 -16.34 -35.98
N GLU C 46 -17.35 -17.52 -36.52
CA GLU C 46 -18.40 -17.69 -37.51
C GLU C 46 -19.76 -17.97 -36.87
N LEU C 47 -19.80 -18.15 -35.56
CA LEU C 47 -21.05 -18.51 -34.86
C LEU C 47 -21.87 -17.27 -34.54
N THR C 48 -22.26 -16.56 -35.59
CA THR C 48 -23.00 -15.31 -35.45
C THR C 48 -24.42 -15.38 -35.99
N ASP C 49 -24.80 -16.46 -36.65
CA ASP C 49 -26.17 -16.64 -37.13
C ASP C 49 -26.57 -18.10 -36.96
N GLN C 50 -27.87 -18.33 -36.79
CA GLN C 50 -28.35 -19.68 -36.52
C GLN C 50 -28.13 -20.62 -37.71
N GLU C 51 -28.13 -20.08 -38.93
CA GLU C 51 -27.83 -20.90 -40.10
C GLU C 51 -26.42 -21.46 -40.01
N SER C 52 -25.42 -20.58 -39.83
CA SER C 52 -24.04 -21.05 -39.69
C SER C 52 -23.90 -22.00 -38.52
N ILE C 53 -24.49 -21.65 -37.38
CA ILE C 53 -24.36 -22.47 -36.16
C ILE C 53 -24.85 -23.89 -36.43
N SER C 54 -25.97 -24.03 -37.16
CA SER C 54 -26.50 -25.36 -37.45
C SER C 54 -25.67 -26.11 -38.48
N GLN C 55 -24.97 -25.40 -39.38
CA GLN C 55 -24.15 -26.05 -40.39
C GLN C 55 -22.79 -26.51 -39.87
N ILE C 56 -22.40 -26.10 -38.67
CA ILE C 56 -21.05 -26.38 -38.18
C ILE C 56 -20.76 -27.88 -38.09
N PRO C 57 -21.61 -28.71 -37.47
CA PRO C 57 -21.26 -30.14 -37.38
C PRO C 57 -21.12 -30.82 -38.73
N THR C 58 -21.98 -30.49 -39.70
CA THR C 58 -21.90 -31.13 -41.01
C THR C 58 -20.72 -30.59 -41.81
N LYS C 59 -20.45 -29.28 -41.70
CA LYS C 59 -19.43 -28.67 -42.55
C LYS C 59 -18.02 -29.05 -42.11
N TYR C 60 -17.77 -29.10 -40.81
CA TYR C 60 -16.44 -29.38 -40.28
C TYR C 60 -16.29 -30.81 -39.77
N SER C 61 -17.29 -31.66 -39.98
CA SER C 61 -17.30 -33.04 -39.51
C SER C 61 -16.99 -33.11 -38.01
N ILE C 62 -17.82 -32.40 -37.25
CA ILE C 62 -17.68 -32.31 -35.79
C ILE C 62 -18.81 -33.09 -35.15
N ASP C 63 -18.48 -33.86 -34.11
CA ASP C 63 -19.49 -34.53 -33.31
C ASP C 63 -20.51 -33.52 -32.81
N PRO C 64 -21.82 -33.75 -33.02
CA PRO C 64 -22.82 -32.78 -32.55
C PRO C 64 -22.72 -32.45 -31.07
N ILE C 65 -22.50 -33.45 -30.21
CA ILE C 65 -22.42 -33.16 -28.78
C ILE C 65 -21.05 -32.61 -28.40
N ASN C 66 -20.00 -32.90 -29.16
CA ASN C 66 -18.72 -32.24 -28.94
C ASN C 66 -18.79 -30.77 -29.33
N PHE C 67 -19.62 -30.44 -30.33
CA PHE C 67 -19.88 -29.05 -30.65
C PHE C 67 -20.65 -28.37 -29.52
N GLN C 68 -21.71 -29.03 -29.03
CA GLN C 68 -22.53 -28.43 -27.98
C GLN C 68 -21.74 -28.27 -26.69
N LYS C 69 -20.85 -29.22 -26.38
CA LYS C 69 -19.95 -29.06 -25.25
C LYS C 69 -19.01 -27.88 -25.46
N PHE C 70 -18.49 -27.74 -26.69
CA PHE C 70 -17.61 -26.61 -27.00
C PHE C 70 -18.34 -25.28 -26.82
N THR C 71 -19.59 -25.21 -27.28
CA THR C 71 -20.35 -23.97 -27.15
C THR C 71 -20.56 -23.60 -25.69
N ARG C 72 -20.68 -24.60 -24.82
CA ARG C 72 -20.81 -24.33 -23.39
C ARG C 72 -19.52 -23.76 -22.81
N VAL C 73 -18.39 -24.39 -23.15
CA VAL C 73 -17.09 -23.89 -22.65
C VAL C 73 -16.81 -22.50 -23.21
N LEU C 74 -17.11 -22.29 -24.49
CA LEU C 74 -16.94 -20.98 -25.11
C LEU C 74 -17.78 -19.93 -24.39
N THR C 75 -18.97 -20.30 -23.93
CA THR C 75 -19.82 -19.36 -23.20
C THR C 75 -19.16 -18.92 -21.89
N VAL C 76 -18.52 -19.86 -21.20
CA VAL C 76 -17.81 -19.50 -19.96
C VAL C 76 -16.66 -18.56 -20.27
N ALA C 77 -15.94 -18.82 -21.36
CA ALA C 77 -14.83 -17.94 -21.74
C ALA C 77 -15.33 -16.54 -22.10
N ILE C 78 -16.48 -16.46 -22.78
CA ILE C 78 -17.06 -15.15 -23.08
C ILE C 78 -17.42 -14.43 -21.79
N TYR C 79 -17.99 -15.15 -20.82
CA TYR C 79 -18.31 -14.54 -19.53
C TYR C 79 -17.07 -13.99 -18.85
N ASN C 80 -15.93 -14.66 -19.02
CA ASN C 80 -14.72 -14.29 -18.31
C ASN C 80 -14.00 -13.10 -18.92
N TYR C 81 -14.25 -12.77 -20.18
CA TYR C 81 -13.50 -11.72 -20.86
C TYR C 81 -14.36 -10.63 -21.49
N ASP C 82 -15.67 -10.64 -21.28
CA ASP C 82 -16.54 -9.67 -21.94
C ASP C 82 -16.48 -8.32 -21.22
N VAL C 83 -16.65 -7.25 -22.01
CA VAL C 83 -16.73 -5.89 -21.49
C VAL C 83 -17.85 -5.17 -22.23
N ASN C 84 -18.78 -4.59 -21.47
CA ASN C 84 -19.95 -3.89 -22.03
C ASN C 84 -20.76 -4.78 -22.97
N TYR C 85 -20.72 -6.09 -22.73
CA TYR C 85 -21.49 -7.08 -23.49
C TYR C 85 -21.20 -7.01 -24.99
N ILE C 86 -19.99 -6.59 -25.37
CA ILE C 86 -19.66 -6.52 -26.79
C ILE C 86 -19.50 -7.92 -27.37
N LEU C 87 -19.00 -8.87 -26.57
CA LEU C 87 -18.91 -10.24 -27.05
C LEU C 87 -20.27 -10.94 -26.99
N ALA C 88 -21.08 -10.60 -25.97
CA ALA C 88 -22.41 -11.19 -25.86
C ALA C 88 -23.33 -10.71 -26.96
N GLU C 89 -23.20 -9.45 -27.38
CA GLU C 89 -24.03 -8.94 -28.46
C GLU C 89 -23.56 -9.45 -29.81
N LYS C 90 -22.25 -9.63 -29.98
CA LYS C 90 -21.73 -10.18 -31.23
C LYS C 90 -22.19 -11.63 -31.42
N TYR C 91 -22.06 -12.44 -30.39
CA TYR C 91 -22.45 -13.84 -30.42
C TYR C 91 -23.83 -14.05 -29.79
N LYS C 92 -24.76 -13.13 -30.07
CA LYS C 92 -26.09 -13.22 -29.47
C LYS C 92 -26.82 -14.47 -29.91
N GLU C 93 -26.66 -14.88 -31.16
CA GLU C 93 -27.36 -16.06 -31.66
C GLU C 93 -26.79 -17.34 -31.06
N LEU C 94 -25.51 -17.33 -30.68
CA LEU C 94 -24.93 -18.47 -29.97
C LEU C 94 -25.63 -18.68 -28.63
N PHE C 95 -25.93 -17.58 -27.93
CA PHE C 95 -26.65 -17.70 -26.67
C PHE C 95 -28.05 -18.25 -26.86
N GLU C 96 -28.67 -18.00 -28.02
CA GLU C 96 -29.96 -18.60 -28.31
C GLU C 96 -29.84 -20.07 -28.69
N PHE C 97 -28.69 -20.45 -29.28
CA PHE C 97 -28.46 -21.87 -29.58
C PHE C 97 -28.22 -22.67 -28.30
N THR C 98 -27.41 -22.14 -27.39
CA THR C 98 -27.13 -22.80 -26.13
C THR C 98 -28.20 -22.54 -25.07
N ASN C 99 -29.06 -21.55 -25.31
CA ASN C 99 -30.08 -21.13 -24.34
C ASN C 99 -29.44 -20.70 -23.01
N MET C 100 -28.24 -20.15 -23.07
CA MET C 100 -27.60 -19.57 -21.90
C MET C 100 -27.90 -18.08 -21.83
N ASP C 101 -27.80 -17.53 -20.62
CA ASP C 101 -28.19 -16.14 -20.39
C ASP C 101 -27.20 -15.20 -21.04
N PRO C 102 -27.61 -14.37 -22.02
CA PRO C 102 -26.68 -13.40 -22.60
C PRO C 102 -26.55 -12.12 -21.78
N ASP C 103 -27.34 -11.97 -20.72
CA ASP C 103 -27.25 -10.82 -19.84
C ASP C 103 -26.48 -11.11 -18.55
N PHE C 104 -26.08 -12.36 -18.34
CA PHE C 104 -25.30 -12.68 -17.15
C PHE C 104 -23.90 -12.10 -17.28
N SER C 105 -23.43 -11.51 -16.20
CA SER C 105 -22.06 -11.04 -16.11
C SER C 105 -21.62 -11.11 -14.66
N PRO C 106 -20.57 -11.86 -14.35
CA PRO C 106 -20.14 -12.00 -12.95
C PRO C 106 -19.67 -10.68 -12.37
N LYS C 107 -19.60 -10.63 -11.04
CA LYS C 107 -19.15 -9.42 -10.35
C LYS C 107 -17.75 -9.03 -10.79
N TYR C 108 -16.86 -10.02 -10.89
CA TYR C 108 -15.51 -9.81 -11.41
C TYR C 108 -15.28 -10.75 -12.60
N ARG C 109 -14.43 -10.32 -13.52
CA ARG C 109 -14.08 -11.13 -14.67
C ARG C 109 -12.57 -11.25 -14.79
N PHE C 110 -12.10 -11.82 -15.90
CA PHE C 110 -10.67 -11.96 -16.17
C PHE C 110 -9.96 -12.78 -15.11
N TYR C 111 -10.60 -13.87 -14.68
CA TYR C 111 -9.93 -14.84 -13.82
C TYR C 111 -8.88 -15.60 -14.62
N SER C 112 -8.07 -16.36 -13.92
CA SER C 112 -7.07 -17.19 -14.57
C SER C 112 -7.74 -18.27 -15.40
N PRO C 113 -7.35 -18.43 -16.67
CA PRO C 113 -7.90 -19.55 -17.46
C PRO C 113 -7.51 -20.91 -16.92
N ILE C 114 -6.35 -21.00 -16.26
CA ILE C 114 -5.97 -22.26 -15.62
C ILE C 114 -6.87 -22.56 -14.43
N ALA C 115 -7.08 -21.56 -13.58
CA ALA C 115 -7.93 -21.75 -12.41
C ALA C 115 -9.38 -22.00 -12.81
N THR C 116 -9.88 -21.26 -13.80
CA THR C 116 -11.26 -21.43 -14.21
C THR C 116 -11.51 -22.81 -14.82
N CYS C 117 -10.59 -23.28 -15.67
CA CYS C 117 -10.78 -24.59 -16.29
C CYS C 117 -10.69 -25.72 -15.28
N SER C 118 -9.92 -25.53 -14.20
CA SER C 118 -9.81 -26.57 -13.19
C SER C 118 -11.13 -26.76 -12.45
N TYR C 119 -11.78 -25.66 -12.04
CA TYR C 119 -13.09 -25.77 -11.41
C TYR C 119 -14.14 -26.21 -12.41
N LEU C 120 -14.07 -25.71 -13.65
CA LEU C 120 -15.02 -26.09 -14.68
C LEU C 120 -14.94 -27.58 -15.01
N SER C 121 -13.82 -28.23 -14.69
CA SER C 121 -13.67 -29.65 -14.98
C SER C 121 -14.60 -30.52 -14.14
N GLN C 122 -15.13 -30.00 -13.04
CA GLN C 122 -15.99 -30.76 -12.15
C GLN C 122 -17.47 -30.66 -12.53
N TYR C 123 -17.81 -29.96 -13.60
CA TYR C 123 -19.20 -29.74 -13.99
C TYR C 123 -19.53 -30.54 -15.25
N ASP C 124 -20.77 -31.04 -15.31
CA ASP C 124 -21.30 -31.61 -16.54
C ASP C 124 -21.76 -30.49 -17.45
N LEU C 125 -21.19 -30.41 -18.64
CA LEU C 125 -21.35 -29.24 -19.49
C LEU C 125 -22.74 -29.14 -20.12
N ILE C 126 -23.41 -30.27 -20.37
CA ILE C 126 -24.71 -30.25 -21.01
C ILE C 126 -25.85 -30.49 -20.00
N SER C 127 -25.56 -30.33 -18.71
CA SER C 127 -26.63 -30.33 -17.72
C SER C 127 -27.57 -29.15 -17.99
N GLU C 128 -28.88 -29.39 -17.82
CA GLU C 128 -29.83 -28.31 -18.06
C GLU C 128 -29.65 -27.18 -17.05
N SER C 129 -29.13 -27.49 -15.86
CA SER C 129 -28.86 -26.49 -14.84
C SER C 129 -27.44 -25.95 -14.95
N PHE C 130 -26.83 -26.00 -16.13
CA PHE C 130 -25.45 -25.55 -16.28
C PHE C 130 -25.33 -24.05 -16.04
N GLN C 131 -26.41 -23.30 -16.26
CA GLN C 131 -26.38 -21.86 -15.97
C GLN C 131 -26.15 -21.61 -14.49
N GLN C 132 -26.88 -22.33 -13.64
CA GLN C 132 -26.66 -22.20 -12.19
C GLN C 132 -25.31 -22.74 -11.79
N ASP C 133 -24.78 -23.73 -12.50
CA ASP C 133 -23.43 -24.20 -12.24
C ASP C 133 -22.40 -23.12 -12.57
N VAL C 134 -22.63 -22.38 -13.67
CA VAL C 134 -21.72 -21.29 -14.03
C VAL C 134 -21.78 -20.19 -12.96
N THR C 135 -22.98 -19.89 -12.46
CA THR C 135 -23.10 -18.89 -11.39
C THR C 135 -22.31 -19.33 -10.16
N LYS C 136 -22.40 -20.60 -9.78
CA LYS C 136 -21.59 -21.11 -8.67
C LYS C 136 -20.11 -21.04 -9.01
N LEU C 137 -19.75 -21.31 -10.26
CA LEU C 137 -18.35 -21.29 -10.67
C LEU C 137 -17.71 -19.93 -10.43
N PHE C 138 -18.31 -18.87 -10.98
CA PHE C 138 -17.75 -17.54 -10.79
C PHE C 138 -17.88 -17.06 -9.35
N ASP C 139 -18.98 -17.43 -8.68
CA ASP C 139 -19.12 -17.05 -7.28
C ASP C 139 -18.11 -17.77 -6.40
N ARG C 140 -17.74 -19.01 -6.74
CA ARG C 140 -16.71 -19.71 -5.99
C ARG C 140 -15.35 -19.05 -6.19
N MET C 141 -14.99 -18.74 -7.43
CA MET C 141 -13.70 -18.12 -7.68
C MET C 141 -13.60 -16.74 -7.06
N HIS C 142 -14.72 -16.02 -6.99
CA HIS C 142 -14.72 -14.74 -6.29
C HIS C 142 -14.40 -14.92 -4.81
N LYS C 143 -15.02 -15.92 -4.18
CA LYS C 143 -14.85 -16.11 -2.75
C LYS C 143 -13.42 -16.49 -2.39
N GLN C 144 -12.74 -17.25 -3.25
CA GLN C 144 -11.38 -17.70 -2.99
C GLN C 144 -10.31 -16.71 -3.47
N GLN C 145 -10.70 -15.62 -4.11
CA GLN C 145 -9.70 -14.79 -4.78
C GLN C 145 -9.09 -13.79 -3.80
N PRO C 146 -7.76 -13.70 -3.73
CA PRO C 146 -7.14 -12.67 -2.90
C PRO C 146 -7.51 -11.27 -3.36
N GLY C 147 -7.45 -10.32 -2.43
CA GLY C 147 -7.91 -8.97 -2.71
C GLY C 147 -7.11 -8.26 -3.77
N CYS C 148 -5.78 -8.47 -3.78
CA CYS C 148 -4.95 -7.82 -4.79
C CYS C 148 -5.28 -8.30 -6.19
N MET C 149 -5.69 -9.57 -6.34
CA MET C 149 -6.06 -10.07 -7.65
C MET C 149 -7.39 -9.46 -8.12
N LEU C 150 -8.37 -9.41 -7.22
CA LEU C 150 -9.66 -8.82 -7.58
C LEU C 150 -9.51 -7.36 -7.98
N MET C 151 -8.63 -6.62 -7.31
N MET C 151 -8.64 -6.63 -7.29
CA MET C 151 -8.44 -5.23 -7.69
CA MET C 151 -8.37 -5.23 -7.65
C MET C 151 -7.73 -5.10 -9.04
C MET C 151 -7.77 -5.13 -9.04
N ASN C 152 -6.90 -6.08 -9.40
CA ASN C 152 -6.32 -6.08 -10.73
C ASN C 152 -7.37 -6.43 -11.79
N GLN C 153 -8.30 -7.33 -11.46
CA GLN C 153 -9.34 -7.71 -12.41
C GLN C 153 -10.29 -6.55 -12.69
N ILE C 154 -10.64 -5.79 -11.66
CA ILE C 154 -11.54 -4.65 -11.88
C ILE C 154 -10.80 -3.50 -12.55
N MET C 155 -9.47 -3.42 -12.34
CA MET C 155 -8.68 -2.41 -13.05
C MET C 155 -8.68 -2.67 -14.55
N VAL C 156 -8.53 -3.94 -14.94
CA VAL C 156 -8.55 -4.28 -16.37
C VAL C 156 -9.91 -3.97 -16.97
N SER C 157 -10.98 -4.38 -16.29
CA SER C 157 -12.33 -4.18 -16.81
C SER C 157 -12.67 -2.70 -16.93
N ASN C 158 -12.24 -1.88 -15.96
CA ASN C 158 -12.56 -0.46 -16.00
C ASN C 158 -11.81 0.24 -17.13
N LEU C 159 -10.56 -0.15 -17.37
CA LEU C 159 -9.77 0.51 -18.41
C LEU C 159 -10.36 0.25 -19.79
N ILE C 160 -10.71 -1.01 -20.07
CA ILE C 160 -11.31 -1.33 -21.36
C ILE C 160 -12.67 -0.68 -21.51
N LYS C 161 -13.43 -0.59 -20.42
CA LYS C 161 -14.74 0.05 -20.45
C LYS C 161 -14.60 1.54 -20.76
N ASN C 162 -13.57 2.19 -20.20
CA ASN C 162 -13.38 3.61 -20.46
C ASN C 162 -12.89 3.86 -21.88
N LEU C 163 -12.10 2.95 -22.45
CA LEU C 163 -11.68 3.10 -23.84
C LEU C 163 -12.84 2.96 -24.80
N LEU C 164 -13.89 2.24 -24.40
CA LEU C 164 -15.05 2.00 -25.26
C LEU C 164 -16.12 3.08 -25.14
N LYS C 165 -15.97 4.03 -24.21
CA LYS C 165 -17.00 5.04 -24.03
C LYS C 165 -17.12 5.91 -25.27
N ASN C 166 -18.36 6.29 -25.59
CA ASN C 166 -18.70 7.13 -26.75
C ASN C 166 -18.62 6.35 -28.06
N VAL C 167 -18.79 5.03 -28.02
CA VAL C 167 -18.88 4.26 -29.25
C VAL C 167 -20.34 3.94 -29.56
N MET D 3 6.88 7.54 37.21
CA MET D 3 6.52 6.54 38.20
C MET D 3 5.04 6.65 38.57
N ASN D 4 4.50 7.85 38.51
CA ASN D 4 3.14 8.12 38.96
C ASN D 4 2.15 8.22 37.81
N THR D 5 2.11 9.37 37.14
CA THR D 5 1.07 9.65 36.17
C THR D 5 1.51 9.24 34.77
N ILE D 6 0.62 9.47 33.79
CA ILE D 6 0.95 9.18 32.40
C ILE D 6 2.08 10.09 31.93
N LYS D 7 2.08 11.35 32.36
CA LYS D 7 3.09 12.30 31.89
C LYS D 7 4.47 11.97 32.45
N THR D 8 4.53 11.56 33.72
CA THR D 8 5.83 11.23 34.32
C THR D 8 6.42 9.97 33.70
N VAL D 9 5.59 8.99 33.39
CA VAL D 9 6.08 7.75 32.78
C VAL D 9 6.54 8.00 31.35
N ILE D 10 5.78 8.80 30.61
CA ILE D 10 6.17 9.16 29.24
C ILE D 10 7.51 9.90 29.26
N ILE D 11 7.68 10.83 30.20
CA ILE D 11 8.93 11.56 30.32
C ILE D 11 10.09 10.59 30.56
N SER D 12 9.91 9.65 31.48
CA SER D 12 10.98 8.68 31.76
C SER D 12 11.26 7.80 30.55
N GLU D 13 10.22 7.48 29.76
CA GLU D 13 10.43 6.68 28.57
C GLU D 13 11.12 7.50 27.48
N LEU D 14 10.74 8.77 27.33
CA LEU D 14 11.44 9.64 26.38
C LEU D 14 12.88 9.84 26.79
N GLU D 15 13.15 9.90 28.10
CA GLU D 15 14.53 10.05 28.56
C GLU D 15 15.35 8.80 28.30
N LYS D 16 14.72 7.62 28.29
CA LYS D 16 15.43 6.42 27.87
C LYS D 16 15.93 6.54 26.44
N ASN D 17 15.12 7.13 25.55
CA ASN D 17 15.56 7.33 24.18
C ASN D 17 16.56 8.48 24.08
N VAL D 18 16.46 9.47 24.97
CA VAL D 18 17.50 10.49 25.04
C VAL D 18 18.83 9.85 25.42
N ASP D 19 18.80 8.89 26.34
CA ASP D 19 20.03 8.17 26.71
C ASP D 19 20.66 7.49 25.50
N GLU D 20 19.83 6.87 24.66
CA GLU D 20 20.36 6.18 23.48
C GLU D 20 20.91 7.18 22.48
N PHE D 21 20.24 8.32 22.30
CA PHE D 21 20.77 9.39 21.47
C PHE D 21 22.14 9.83 21.98
N LEU D 22 22.25 10.11 23.28
CA LEU D 22 23.52 10.54 23.84
C LEU D 22 24.58 9.45 23.70
N ASN D 23 24.17 8.18 23.83
CA ASN D 23 25.11 7.08 23.64
C ASN D 23 25.61 7.00 22.21
N SER D 24 24.79 7.43 21.24
CA SER D 24 25.23 7.39 19.84
C SER D 24 26.32 8.41 19.57
N TYR D 25 26.29 9.56 20.25
CA TYR D 25 27.33 10.57 20.07
C TYR D 25 28.66 10.14 20.68
N LEU D 26 28.64 9.22 21.65
CA LEU D 26 29.87 8.76 22.29
C LEU D 26 30.89 8.26 21.28
N GLU D 27 30.43 7.78 20.14
CA GLU D 27 31.33 7.28 19.10
C GLU D 27 32.33 8.33 18.65
N TYR D 28 31.98 9.61 18.78
CA TYR D 28 32.80 10.70 18.29
C TYR D 28 33.59 11.39 19.40
N LEU D 29 33.69 10.76 20.57
CA LEU D 29 34.43 11.32 21.69
C LEU D 29 35.55 10.36 22.09
N LYS D 30 36.55 10.90 22.80
CA LYS D 30 37.77 10.15 23.06
C LYS D 30 38.32 10.52 24.43
N TYR D 31 39.17 9.63 24.94
CA TYR D 31 39.86 9.74 26.23
C TYR D 31 38.98 10.32 27.34
N ASP D 32 39.49 11.35 28.02
CA ASP D 32 38.79 11.98 29.14
C ASP D 32 37.46 12.61 28.74
N ASP D 33 37.37 13.14 27.51
CA ASP D 33 36.08 13.68 27.06
C ASP D 33 35.03 12.60 26.97
N TYR D 34 35.44 11.38 26.62
CA TYR D 34 34.49 10.26 26.59
C TYR D 34 34.02 9.90 27.99
N ASP D 35 34.93 9.88 28.96
CA ASP D 35 34.57 9.49 30.32
C ASP D 35 33.71 10.55 31.00
N GLN D 36 33.99 11.83 30.75
CA GLN D 36 33.18 12.89 31.33
C GLN D 36 31.78 12.91 30.72
N TYR D 37 31.69 12.67 29.41
CA TYR D 37 30.39 12.64 28.75
C TYR D 37 29.54 11.49 29.28
N CYS D 38 30.14 10.32 29.52
CA CYS D 38 29.41 9.19 30.06
C CYS D 38 28.84 9.52 31.44
N THR D 39 29.66 10.15 32.30
CA THR D 39 29.18 10.58 33.60
C THR D 39 27.98 11.50 33.47
N MET D 40 27.97 12.36 32.44
CA MET D 40 26.87 13.30 32.27
C MET D 40 25.59 12.62 31.83
N ILE D 41 25.69 11.49 31.11
CA ILE D 41 24.50 10.81 30.64
C ILE D 41 23.66 10.32 31.82
N GLY D 42 24.31 9.83 32.87
CA GLY D 42 23.62 9.36 34.04
C GLY D 42 23.20 10.42 35.03
N LEU D 43 23.38 11.70 34.71
CA LEU D 43 23.09 12.78 35.63
C LEU D 43 22.18 13.87 35.08
N TYR D 44 21.94 13.92 33.77
CA TYR D 44 21.35 15.12 33.18
C TYR D 44 19.93 15.40 33.67
N ASP D 45 19.23 14.39 34.18
CA ASP D 45 17.90 14.65 34.73
C ASP D 45 17.93 15.52 35.98
N GLU D 46 19.13 15.76 36.55
CA GLU D 46 19.27 16.73 37.62
C GLU D 46 19.39 18.15 37.11
N LEU D 47 19.79 18.33 35.85
CA LEU D 47 20.02 19.65 35.28
C LEU D 47 18.70 20.39 35.03
N THR D 48 17.90 20.55 36.08
CA THR D 48 16.62 21.24 35.97
C THR D 48 16.62 22.62 36.61
N ASP D 49 17.56 22.93 37.48
CA ASP D 49 17.64 24.24 38.11
C ASP D 49 19.05 24.79 37.98
N GLN D 50 19.14 26.12 38.04
CA GLN D 50 20.43 26.79 37.83
C GLN D 50 21.46 26.38 38.86
N GLU D 51 21.03 26.12 40.10
CA GLU D 51 21.95 25.67 41.13
C GLU D 51 22.63 24.37 40.72
N SER D 52 21.83 23.31 40.54
CA SER D 52 22.38 22.02 40.14
C SER D 52 23.21 22.12 38.86
N ILE D 53 22.80 22.99 37.94
CA ILE D 53 23.55 23.19 36.70
C ILE D 53 24.96 23.70 36.99
N SER D 54 25.13 24.54 38.01
CA SER D 54 26.43 25.11 38.32
C SER D 54 27.27 24.25 39.25
N GLN D 55 26.66 23.34 40.01
CA GLN D 55 27.40 22.55 40.99
C GLN D 55 28.00 21.27 40.39
N ILE D 56 27.24 20.56 39.56
CA ILE D 56 27.63 19.21 39.13
C ILE D 56 28.86 19.18 38.22
N PRO D 57 29.18 20.21 37.42
CA PRO D 57 30.45 20.13 36.68
C PRO D 57 31.67 20.04 37.58
N THR D 58 31.68 20.79 38.68
CA THR D 58 32.78 20.70 39.64
C THR D 58 32.61 19.52 40.58
N LYS D 59 31.37 19.17 40.93
CA LYS D 59 31.15 18.02 41.80
C LYS D 59 31.58 16.72 41.15
N TYR D 60 31.41 16.61 39.83
CA TYR D 60 31.79 15.41 39.10
C TYR D 60 33.04 15.61 38.24
N SER D 61 33.74 16.73 38.42
CA SER D 61 35.05 16.98 37.79
C SER D 61 34.95 16.92 36.27
N ILE D 62 34.00 17.66 35.71
CA ILE D 62 33.82 17.78 34.27
C ILE D 62 34.29 19.16 33.84
N ASP D 63 35.11 19.21 32.80
CA ASP D 63 35.61 20.47 32.30
C ASP D 63 34.44 21.35 31.84
N PRO D 64 34.52 22.67 32.02
CA PRO D 64 33.43 23.54 31.56
C PRO D 64 33.15 23.42 30.08
N ILE D 65 34.17 23.16 29.26
CA ILE D 65 33.96 23.01 27.83
C ILE D 65 33.22 21.71 27.53
N ASN D 66 33.56 20.63 28.24
CA ASN D 66 32.86 19.36 28.02
C ASN D 66 31.42 19.43 28.52
N PHE D 67 31.19 20.13 29.63
CA PHE D 67 29.82 20.32 30.10
C PHE D 67 29.03 21.16 29.10
N GLN D 68 29.67 22.15 28.48
CA GLN D 68 29.01 22.96 27.46
C GLN D 68 28.63 22.10 26.26
N LYS D 69 29.56 21.27 25.79
CA LYS D 69 29.29 20.45 24.61
C LYS D 69 28.23 19.39 24.91
N PHE D 70 28.22 18.85 26.12
CA PHE D 70 27.21 17.86 26.47
C PHE D 70 25.82 18.45 26.47
N THR D 71 25.66 19.65 27.04
CA THR D 71 24.35 20.26 27.10
C THR D 71 23.79 20.56 25.71
N ARG D 72 24.67 20.85 24.75
CA ARG D 72 24.19 21.14 23.40
C ARG D 72 23.77 19.88 22.68
N VAL D 73 24.49 18.77 22.88
CA VAL D 73 24.05 17.50 22.33
C VAL D 73 22.75 17.06 23.00
N LEU D 74 22.59 17.40 24.28
CA LEU D 74 21.37 17.04 24.99
C LEU D 74 20.17 17.82 24.47
N THR D 75 20.38 19.09 24.08
CA THR D 75 19.28 19.89 23.55
C THR D 75 18.79 19.35 22.21
N VAL D 76 19.71 18.89 21.36
CA VAL D 76 19.31 18.28 20.09
C VAL D 76 18.55 16.99 20.35
N ALA D 77 18.97 16.23 21.37
CA ALA D 77 18.25 15.03 21.75
C ALA D 77 16.84 15.36 22.22
N ILE D 78 16.70 16.40 23.04
CA ILE D 78 15.38 16.82 23.50
C ILE D 78 14.51 17.24 22.32
N TYR D 79 15.09 17.98 21.37
CA TYR D 79 14.35 18.37 20.18
C TYR D 79 13.82 17.15 19.44
N ASN D 80 14.61 16.07 19.39
CA ASN D 80 14.26 14.92 18.59
C ASN D 80 13.20 14.02 19.22
N TYR D 81 13.01 14.11 20.54
CA TYR D 81 12.10 13.21 21.24
C TYR D 81 11.00 13.92 22.00
N ASP D 82 10.92 15.24 21.95
CA ASP D 82 9.93 15.96 22.75
C ASP D 82 8.55 15.82 22.14
N VAL D 83 7.53 15.86 23.00
CA VAL D 83 6.13 15.83 22.60
C VAL D 83 5.37 16.82 23.46
N ASN D 84 4.73 17.80 22.83
CA ASN D 84 4.00 18.86 23.52
C ASN D 84 4.87 19.63 24.50
N TYR D 85 6.16 19.73 24.20
CA TYR D 85 7.12 20.51 24.98
C TYR D 85 7.20 20.07 26.44
N ILE D 86 6.90 18.79 26.71
CA ILE D 86 6.97 18.32 28.10
C ILE D 86 8.43 18.19 28.55
N LEU D 87 9.33 17.86 27.63
CA LEU D 87 10.75 17.81 27.97
C LEU D 87 11.35 19.20 28.01
N ALA D 88 10.93 20.07 27.10
CA ALA D 88 11.42 21.45 27.10
C ALA D 88 10.98 22.20 28.36
N GLU D 89 9.79 21.90 28.88
CA GLU D 89 9.34 22.53 30.11
C GLU D 89 10.07 21.98 31.32
N LYS D 90 10.31 20.66 31.35
CA LYS D 90 11.04 20.07 32.48
C LYS D 90 12.45 20.63 32.56
N TYR D 91 13.15 20.70 31.42
CA TYR D 91 14.48 21.28 31.36
C TYR D 91 14.43 22.76 30.99
N LYS D 92 13.48 23.48 31.57
CA LYS D 92 13.30 24.90 31.31
C LYS D 92 14.58 25.67 31.60
N GLU D 93 15.20 25.41 32.75
CA GLU D 93 16.40 26.14 33.14
C GLU D 93 17.64 25.67 32.42
N LEU D 94 17.62 24.47 31.82
CA LEU D 94 18.75 24.05 31.00
C LEU D 94 18.85 24.90 29.74
N PHE D 95 17.71 25.23 29.12
CA PHE D 95 17.74 26.08 27.94
C PHE D 95 18.21 27.48 28.26
N GLU D 96 17.91 27.98 29.47
CA GLU D 96 18.43 29.29 29.87
C GLU D 96 19.94 29.27 30.03
N PHE D 97 20.51 28.12 30.41
CA PHE D 97 21.96 28.02 30.57
C PHE D 97 22.68 27.96 29.23
N THR D 98 22.18 27.16 28.30
CA THR D 98 22.84 26.95 27.02
C THR D 98 22.39 27.95 25.95
N ASN D 99 21.47 28.86 26.28
CA ASN D 99 21.04 29.94 25.39
C ASN D 99 20.35 29.43 24.13
N MET D 100 19.68 28.28 24.20
CA MET D 100 19.02 27.71 23.04
C MET D 100 17.50 27.85 23.17
N ASP D 101 16.85 27.85 22.01
CA ASP D 101 15.41 28.14 21.95
C ASP D 101 14.60 27.02 22.58
N PRO D 102 13.86 27.28 23.67
CA PRO D 102 13.03 26.23 24.27
C PRO D 102 11.71 26.00 23.56
N ASP D 103 11.34 26.84 22.60
CA ASP D 103 10.09 26.68 21.86
C ASP D 103 10.32 26.15 20.44
N PHE D 104 11.57 25.94 20.04
CA PHE D 104 11.83 25.31 18.74
C PHE D 104 11.33 23.87 18.75
N SER D 105 10.74 23.47 17.64
CA SER D 105 10.30 22.10 17.47
C SER D 105 10.24 21.76 15.99
N PRO D 106 11.03 20.80 15.52
CA PRO D 106 10.98 20.45 14.10
C PRO D 106 9.66 19.79 13.75
N LYS D 107 9.20 20.06 12.53
CA LYS D 107 7.89 19.56 12.10
C LYS D 107 7.83 18.05 12.05
N TYR D 108 8.98 17.38 12.04
CA TYR D 108 9.06 15.94 12.24
C TYR D 108 10.08 15.65 13.32
N ARG D 109 9.79 14.64 14.14
CA ARG D 109 10.65 14.25 15.26
C ARG D 109 10.92 12.76 15.18
N PHE D 110 11.67 12.26 16.17
CA PHE D 110 11.99 10.84 16.28
C PHE D 110 12.77 10.34 15.07
N TYR D 111 13.76 11.12 14.64
CA TYR D 111 14.70 10.64 13.64
C TYR D 111 15.62 9.59 14.25
N SER D 112 16.41 8.95 13.40
CA SER D 112 17.36 7.95 13.87
C SER D 112 18.45 8.63 14.71
N PRO D 113 18.74 8.14 15.91
CA PRO D 113 19.84 8.74 16.69
C PRO D 113 21.20 8.52 16.06
N ILE D 114 21.39 7.40 15.36
CA ILE D 114 22.66 7.17 14.66
C ILE D 114 22.83 8.17 13.52
N ALA D 115 21.78 8.36 12.73
CA ALA D 115 21.86 9.30 11.61
C ALA D 115 21.96 10.73 12.09
N THR D 116 21.22 11.09 13.15
CA THR D 116 21.24 12.47 13.63
C THR D 116 22.61 12.83 14.21
N CYS D 117 23.19 11.94 15.01
CA CYS D 117 24.51 12.21 15.56
C CYS D 117 25.59 12.14 14.48
N SER D 118 25.35 11.39 13.40
CA SER D 118 26.30 11.33 12.31
C SER D 118 26.45 12.70 11.64
N TYR D 119 25.34 13.40 11.44
CA TYR D 119 25.40 14.75 10.90
C TYR D 119 25.85 15.76 11.95
N LEU D 120 25.35 15.61 13.19
CA LEU D 120 25.71 16.54 14.26
C LEU D 120 27.20 16.51 14.56
N SER D 121 27.88 15.40 14.27
CA SER D 121 29.29 15.26 14.62
C SER D 121 30.20 16.22 13.85
N GLN D 122 29.74 16.77 12.74
CA GLN D 122 30.55 17.67 11.92
C GLN D 122 30.20 19.14 12.13
N TYR D 123 29.45 19.46 13.16
CA TYR D 123 29.09 20.84 13.49
C TYR D 123 29.86 21.29 14.72
N ASP D 124 30.25 22.56 14.74
CA ASP D 124 30.84 23.17 15.93
C ASP D 124 29.75 23.33 16.98
N LEU D 125 29.86 22.60 18.09
CA LEU D 125 28.78 22.54 19.06
C LEU D 125 28.60 23.88 19.77
N ILE D 126 29.69 24.56 20.09
CA ILE D 126 29.63 25.80 20.86
C ILE D 126 29.69 27.03 19.94
N SER D 127 29.36 26.88 18.67
CA SER D 127 29.29 28.02 17.77
C SER D 127 28.15 28.95 18.18
N GLU D 128 28.34 30.25 17.93
CA GLU D 128 27.27 31.21 18.17
C GLU D 128 26.09 31.02 17.24
N SER D 129 26.30 30.37 16.09
CA SER D 129 25.23 30.07 15.15
C SER D 129 24.72 28.64 15.29
N PHE D 130 24.88 28.03 16.46
CA PHE D 130 24.52 26.63 16.62
C PHE D 130 23.02 26.42 16.55
N GLN D 131 22.23 27.44 16.89
CA GLN D 131 20.78 27.31 16.82
C GLN D 131 20.33 27.13 15.37
N GLN D 132 20.84 27.97 14.46
CA GLN D 132 20.48 27.83 13.05
C GLN D 132 21.13 26.59 12.44
N ASP D 133 22.24 26.14 13.00
CA ASP D 133 22.84 24.89 12.55
C ASP D 133 21.93 23.70 12.87
N VAL D 134 21.28 23.74 14.05
CA VAL D 134 20.33 22.68 14.40
C VAL D 134 19.09 22.78 13.52
N THR D 135 18.64 24.00 13.23
CA THR D 135 17.48 24.17 12.37
C THR D 135 17.72 23.60 10.98
N LYS D 136 18.94 23.80 10.45
CA LYS D 136 19.25 23.25 9.14
C LYS D 136 19.47 21.74 9.20
N LEU D 137 19.90 21.23 10.36
CA LEU D 137 20.15 19.79 10.47
C LEU D 137 18.85 19.00 10.36
N PHE D 138 17.81 19.42 11.08
CA PHE D 138 16.53 18.73 10.97
C PHE D 138 15.89 18.94 9.60
N ASP D 139 16.10 20.11 8.99
CA ASP D 139 15.55 20.35 7.67
C ASP D 139 16.21 19.46 6.62
N ARG D 140 17.52 19.25 6.72
CA ARG D 140 18.20 18.35 5.80
C ARG D 140 17.69 16.93 5.96
N MET D 141 17.56 16.45 7.20
CA MET D 141 17.07 15.10 7.43
C MET D 141 15.62 14.96 6.97
N HIS D 142 14.85 16.04 7.02
CA HIS D 142 13.48 16.01 6.49
C HIS D 142 13.48 15.81 4.99
N LYS D 143 14.28 16.62 4.27
CA LYS D 143 14.35 16.51 2.82
C LYS D 143 14.88 15.15 2.38
N GLN D 144 15.75 14.54 3.19
CA GLN D 144 16.35 13.27 2.83
C GLN D 144 15.44 12.08 3.14
N GLN D 145 14.55 12.23 4.10
CA GLN D 145 13.86 11.09 4.68
C GLN D 145 12.86 10.48 3.69
N PRO D 146 12.88 9.18 3.49
CA PRO D 146 11.83 8.53 2.71
C PRO D 146 10.45 8.73 3.33
N GLY D 147 9.42 8.57 2.51
CA GLY D 147 8.07 8.86 2.95
C GLY D 147 7.58 7.93 4.04
N CYS D 148 7.91 6.64 3.95
CA CYS D 148 7.45 5.69 4.95
C CYS D 148 8.03 5.99 6.33
N MET D 149 9.27 6.48 6.39
CA MET D 149 9.86 6.81 7.69
C MET D 149 9.16 8.01 8.31
N LEU D 150 8.85 9.02 7.51
CA LEU D 150 8.20 10.22 8.04
C LEU D 150 6.82 9.91 8.58
N MET D 151 6.08 9.02 7.92
CA MET D 151 4.75 8.65 8.41
C MET D 151 4.85 7.86 9.70
N ASN D 152 5.89 7.02 9.83
CA ASN D 152 6.13 6.35 11.10
C ASN D 152 6.45 7.36 12.20
N GLN D 153 7.19 8.42 11.86
CA GLN D 153 7.59 9.40 12.87
C GLN D 153 6.39 10.20 13.36
N ILE D 154 5.48 10.58 12.47
CA ILE D 154 4.29 11.29 12.91
C ILE D 154 3.30 10.36 13.60
N MET D 155 3.36 9.06 13.32
CA MET D 155 2.53 8.11 14.04
C MET D 155 2.99 8.01 15.50
N VAL D 156 4.30 7.97 15.72
CA VAL D 156 4.84 7.95 17.08
C VAL D 156 4.42 9.21 17.84
N SER D 157 4.62 10.38 17.22
CA SER D 157 4.29 11.64 17.88
C SER D 157 2.79 11.75 18.15
N ASN D 158 1.95 11.33 17.19
CA ASN D 158 0.52 11.45 17.37
C ASN D 158 0.00 10.51 18.45
N LEU D 159 0.56 9.29 18.53
CA LEU D 159 0.12 8.36 19.56
C LEU D 159 0.45 8.89 20.96
N ILE D 160 1.64 9.46 21.13
CA ILE D 160 2.00 10.03 22.43
C ILE D 160 1.16 11.25 22.73
N LYS D 161 0.87 12.07 21.71
CA LYS D 161 0.02 13.24 21.90
C LYS D 161 -1.38 12.84 22.35
N ASN D 162 -1.93 11.77 21.76
CA ASN D 162 -3.25 11.31 22.17
C ASN D 162 -3.23 10.81 23.61
N LEU D 163 -2.18 10.08 23.99
CA LEU D 163 -2.10 9.55 25.35
C LEU D 163 -1.98 10.66 26.37
N LEU D 164 -1.29 11.75 26.02
CA LEU D 164 -1.12 12.86 26.96
C LEU D 164 -2.44 13.59 27.21
N LYS D 165 -3.36 13.55 26.24
CA LYS D 165 -4.67 14.16 26.43
C LYS D 165 -5.51 13.45 27.46
N ASN D 166 -5.10 12.27 27.92
CA ASN D 166 -5.90 11.45 28.83
C ASN D 166 -5.53 11.78 30.27
N VAL D 167 -6.28 12.73 30.85
CA VAL D 167 -6.27 12.90 32.30
C VAL D 167 -7.35 12.03 32.96
N GLN D 168 -8.37 11.65 32.21
CA GLN D 168 -9.39 10.70 32.68
C GLN D 168 -9.71 9.67 31.61
C1 GOL E . 4.17 -13.30 -2.23
O1 GOL E . 5.19 -13.57 -3.15
C2 GOL E . 2.98 -14.23 -2.59
O2 GOL E . 2.38 -13.88 -3.78
C3 GOL E . 2.02 -14.13 -1.38
O3 GOL E . 1.06 -15.13 -1.55
C1 BME F . 4.50 -2.94 0.95
C2 BME F . 4.61 -3.38 -0.51
O1 BME F . 5.71 -2.32 1.35
S2 BME F . 3.33 -4.61 -0.88
C1 BME G . -5.04 16.18 -15.01
C2 BME G . -4.64 15.42 -16.27
O1 BME G . -4.04 17.14 -14.69
S2 BME G . -5.81 14.06 -16.56
C1 GOL H . -11.07 -15.45 -33.88
O1 GOL H . -11.71 -16.34 -33.03
C2 GOL H . -9.56 -15.55 -33.57
O2 GOL H . -9.27 -15.14 -32.28
C3 GOL H . -9.19 -17.01 -33.83
O3 GOL H . -10.01 -17.79 -33.00
C1 BME I . -5.33 -11.60 -11.11
C2 BME I . -6.60 -12.45 -11.13
O1 BME I . -5.29 -10.78 -12.26
S2 BME I . -6.63 -13.44 -12.64
ZN ZN J . -13.14 8.12 -36.19
C TRS K . 19.31 8.62 33.10
C1 TRS K . 20.41 8.08 32.19
C2 TRS K . 19.82 8.69 34.53
C3 TRS K . 18.07 7.73 33.02
N TRS K . 18.95 9.96 32.65
O1 TRS K . 20.88 6.84 32.66
O2 TRS K . 18.83 9.27 35.33
O3 TRS K . 17.44 7.91 31.78
#